data_2UZ0
#
_entry.id   2UZ0
#
_cell.length_a   71.695
_cell.length_b   72.128
_cell.length_c   101.827
_cell.angle_alpha   90.00
_cell.angle_beta   94.31
_cell.angle_gamma   90.00
#
_symmetry.space_group_name_H-M   'P 1 21 1'
#
loop_
_entity.id
_entity.type
_entity.pdbx_description
1 polymer 'TRIBUTYRIN ESTERASE'
2 non-polymer 'CALCIUM ION'
3 non-polymer GLYCEROL
4 non-polymer 1,2-ETHANEDIOL
5 water water
#
_entity_poly.entity_id   1
_entity_poly.type   'polypeptide(L)'
_entity_poly.pdbx_seq_one_letter_code
;GA(MSE)DPAV(MSE)KIEYYSQVLD(MSE)EWGVNVLYPDANRVEEPECEDIPVLYLLHG(MSE)SGNHNSWLKRTNVE
RLLRGTNLIVV(MSE)PNTSNGWYTDTQYGFDYYTALAEELPQVLKRFFPN(MSE)TSKREKTFIAGLS(MSE)GGYGCF
KLALTTNRFSHAASFSGALSFQNFSPESQNLGSPAYWRGVFGEIRDWTTSPYSLESLAKKSDKKTKLWAWCGEQDFLYEA
NNLAVKNLKKLGFDVTYSHSAGTHEWYYWEKQLEVFLTTLPIDFKLEERLT
;
_entity_poly.pdbx_strand_id   A,B,C,D
#
# COMPACT_ATOMS: atom_id res chain seq x y z
N GLY A 1 -17.72 0.40 -1.72
CA GLY A 1 -19.12 0.28 -1.24
C GLY A 1 -19.64 -1.14 -1.36
N ALA A 2 -20.90 -1.33 -0.97
CA ALA A 2 -21.55 -2.63 -1.10
C ALA A 2 -21.43 -3.14 -2.53
N ASP A 4 -18.89 -3.86 -4.17
CA ASP A 4 -17.55 -3.63 -4.73
C ASP A 4 -16.59 -4.73 -4.27
N PRO A 5 -15.62 -5.11 -5.12
CA PRO A 5 -14.70 -6.13 -4.65
C PRO A 5 -13.79 -5.66 -3.54
N ALA A 6 -13.34 -6.60 -2.73
CA ALA A 6 -12.27 -6.32 -1.77
C ALA A 6 -10.98 -6.25 -2.57
N VAL A 7 -10.03 -5.42 -2.14
CA VAL A 7 -8.73 -5.35 -2.80
C VAL A 7 -7.70 -5.83 -1.80
N LYS A 9 -3.61 -6.28 -1.38
CA LYS A 9 -2.28 -6.07 -1.90
C LYS A 9 -1.44 -7.09 -1.15
N ILE A 10 -0.83 -8.02 -1.89
CA ILE A 10 -0.17 -9.15 -1.24
C ILE A 10 1.32 -9.06 -1.38
N GLU A 11 2.00 -9.10 -0.23
CA GLU A 11 3.47 -9.21 -0.19
C GLU A 11 3.76 -10.67 0.13
N TYR A 12 4.38 -11.37 -0.81
CA TYR A 12 4.71 -12.77 -0.56
C TYR A 12 6.12 -13.04 -1.00
N TYR A 13 6.72 -14.12 -0.50
CA TYR A 13 8.06 -14.49 -0.95
C TYR A 13 7.98 -15.49 -2.10
N SER A 14 8.66 -15.14 -3.20
CA SER A 14 8.80 -16.06 -4.31
C SER A 14 10.07 -16.88 -4.16
N GLN A 15 9.92 -18.17 -3.86
CA GLN A 15 11.07 -19.07 -3.80
C GLN A 15 11.68 -19.22 -5.20
N VAL A 16 10.82 -19.23 -6.23
CA VAL A 16 11.31 -19.36 -7.58
C VAL A 16 12.23 -18.19 -7.98
N LEU A 17 11.84 -16.97 -7.61
CA LEU A 17 12.63 -15.77 -7.93
C LEU A 17 13.65 -15.40 -6.85
N ASP A 18 13.62 -16.12 -5.73
CA ASP A 18 14.38 -15.76 -4.53
C ASP A 18 14.21 -14.27 -4.23
N GLU A 20 11.33 -11.19 -2.39
CA GLU A 20 10.09 -10.60 -1.91
C GLU A 20 9.37 -10.08 -3.16
N TRP A 21 8.10 -10.47 -3.30
CA TRP A 21 7.36 -10.19 -4.52
C TRP A 21 5.95 -9.73 -4.18
N GLY A 22 5.15 -9.45 -5.20
CA GLY A 22 3.85 -8.87 -4.92
C GLY A 22 2.84 -9.25 -5.97
N VAL A 23 1.58 -9.23 -5.57
CA VAL A 23 0.44 -9.38 -6.49
C VAL A 23 -0.72 -8.64 -5.90
N ASN A 24 -1.67 -8.24 -6.75
CA ASN A 24 -2.90 -7.64 -6.27
C ASN A 24 -4.04 -8.58 -6.57
N VAL A 25 -5.00 -8.64 -5.65
CA VAL A 25 -6.19 -9.50 -5.82
C VAL A 25 -7.47 -8.68 -5.60
N LEU A 26 -8.42 -8.81 -6.52
CA LEU A 26 -9.79 -8.36 -6.29
C LEU A 26 -10.60 -9.59 -5.93
N TYR A 27 -11.28 -9.52 -4.81
CA TYR A 27 -12.03 -10.64 -4.28
C TYR A 27 -13.48 -10.23 -4.12
N PRO A 28 -14.39 -10.95 -4.78
CA PRO A 28 -15.78 -10.50 -4.81
C PRO A 28 -16.42 -10.42 -3.43
N ASP A 29 -17.25 -9.41 -3.25
CA ASP A 29 -17.94 -9.09 -1.99
C ASP A 29 -18.98 -10.14 -1.67
N GLU A 39 -16.83 -22.52 -2.44
CA GLU A 39 -17.80 -21.86 -3.30
C GLU A 39 -17.33 -21.73 -4.76
N ASP A 40 -16.17 -22.29 -5.05
CA ASP A 40 -15.77 -22.57 -6.42
C ASP A 40 -15.82 -21.29 -7.25
N ILE A 41 -15.14 -20.25 -6.78
CA ILE A 41 -15.28 -18.92 -7.37
C ILE A 41 -14.36 -18.82 -8.61
N PRO A 42 -14.90 -18.38 -9.77
CA PRO A 42 -14.06 -18.22 -10.98
C PRO A 42 -12.91 -17.26 -10.75
N VAL A 43 -11.85 -17.42 -11.53
CA VAL A 43 -10.67 -16.56 -11.42
C VAL A 43 -10.16 -16.12 -12.79
N LEU A 44 -9.81 -14.84 -12.88
CA LEU A 44 -9.19 -14.24 -14.05
C LEU A 44 -7.80 -13.77 -13.65
N TYR A 45 -6.76 -14.27 -14.33
CA TYR A 45 -5.40 -13.74 -14.17
C TYR A 45 -5.29 -12.63 -15.20
N LEU A 46 -4.85 -11.44 -14.76
CA LEU A 46 -4.85 -10.27 -15.63
C LEU A 46 -3.45 -9.72 -15.68
N LEU A 47 -2.84 -9.81 -16.87
CA LEU A 47 -1.42 -9.59 -17.03
C LEU A 47 -1.12 -8.19 -17.59
N HIS A 48 -0.13 -7.54 -16.98
CA HIS A 48 0.35 -6.24 -17.43
C HIS A 48 1.29 -6.33 -18.63
N GLY A 49 1.62 -5.18 -19.20
CA GLY A 49 2.51 -5.10 -20.36
C GLY A 49 3.89 -4.58 -20.02
N SER A 51 6.90 -2.26 -19.33
CA SER A 51 6.98 -1.04 -18.51
C SER A 51 6.03 -1.05 -17.31
N GLY A 52 5.12 -2.02 -17.25
CA GLY A 52 4.17 -2.10 -16.13
C GLY A 52 4.52 -3.10 -15.03
N ASN A 53 3.60 -3.29 -14.10
CA ASN A 53 3.77 -4.26 -13.04
C ASN A 53 2.38 -4.68 -12.53
N HIS A 54 2.31 -5.35 -11.39
CA HIS A 54 1.06 -5.81 -10.81
C HIS A 54 0.04 -4.69 -10.50
N ASN A 55 0.53 -3.46 -10.35
CA ASN A 55 -0.35 -2.27 -10.14
C ASN A 55 -1.00 -1.70 -11.40
N SER A 56 -0.53 -2.13 -12.56
CA SER A 56 -0.87 -1.49 -13.83
C SER A 56 -2.38 -1.41 -14.10
N TRP A 57 -3.07 -2.55 -14.04
CA TRP A 57 -4.50 -2.54 -14.37
C TRP A 57 -5.28 -1.71 -13.38
N LEU A 58 -4.84 -1.70 -12.11
CA LEU A 58 -5.54 -0.87 -11.13
C LEU A 58 -5.24 0.62 -11.31
N LYS A 59 -4.02 0.95 -11.72
CA LYS A 59 -3.64 2.35 -11.92
C LYS A 59 -4.19 2.95 -13.22
N ARG A 60 -4.39 2.12 -14.24
CA ARG A 60 -4.56 2.60 -15.61
C ARG A 60 -5.95 2.32 -16.19
N THR A 61 -6.80 1.63 -15.45
CA THR A 61 -8.16 1.32 -15.90
C THR A 61 -9.16 1.39 -14.75
N ASN A 62 -10.44 1.27 -15.10
CA ASN A 62 -11.50 1.18 -14.11
C ASN A 62 -11.91 -0.27 -13.83
N VAL A 63 -10.97 -1.21 -13.98
CA VAL A 63 -11.29 -2.63 -13.71
C VAL A 63 -11.98 -2.82 -12.35
N GLU A 64 -11.55 -2.06 -11.34
CA GLU A 64 -12.17 -2.15 -10.01
C GLU A 64 -13.68 -1.85 -10.03
N ARG A 65 -14.05 -0.71 -10.64
CA ARG A 65 -15.45 -0.34 -10.80
C ARG A 65 -16.18 -1.36 -11.67
N LEU A 66 -15.51 -1.84 -12.71
CA LEU A 66 -16.06 -2.85 -13.64
C LEU A 66 -16.48 -4.15 -12.93
N LEU A 67 -15.73 -4.54 -11.92
CA LEU A 67 -15.98 -5.81 -11.22
C LEU A 67 -17.09 -5.72 -10.15
N ARG A 68 -17.65 -4.53 -9.96
CA ARG A 68 -18.75 -4.38 -9.01
C ARG A 68 -19.83 -5.42 -9.29
N GLY A 69 -20.23 -6.15 -8.24
CA GLY A 69 -21.29 -7.16 -8.35
C GLY A 69 -21.02 -8.44 -9.13
N THR A 70 -19.77 -8.63 -9.56
CA THR A 70 -19.36 -9.77 -10.38
C THR A 70 -18.65 -10.84 -9.56
N ASN A 71 -19.14 -12.07 -9.62
CA ASN A 71 -18.52 -13.18 -8.89
C ASN A 71 -17.29 -13.70 -9.63
N LEU A 72 -16.19 -12.96 -9.50
CA LEU A 72 -14.97 -13.29 -10.20
C LEU A 72 -13.82 -12.74 -9.34
N ILE A 73 -12.85 -13.61 -9.04
CA ILE A 73 -11.60 -13.19 -8.40
C ILE A 73 -10.68 -12.73 -9.55
N VAL A 74 -9.98 -11.62 -9.37
CA VAL A 74 -9.01 -11.16 -10.38
C VAL A 74 -7.64 -11.11 -9.74
N VAL A 75 -6.68 -11.80 -10.34
CA VAL A 75 -5.30 -11.84 -9.85
C VAL A 75 -4.40 -11.07 -10.81
N PRO A 77 -0.62 -10.39 -11.36
CA PRO A 77 0.80 -10.68 -11.03
C PRO A 77 1.79 -9.65 -11.61
N ASN A 78 3.07 -9.82 -11.26
CA ASN A 78 4.17 -8.99 -11.75
C ASN A 78 5.24 -9.85 -12.43
N THR A 79 5.57 -9.54 -13.69
CA THR A 79 6.75 -10.13 -14.34
C THR A 79 7.90 -9.13 -14.57
N SER A 80 7.73 -7.88 -14.15
CA SER A 80 8.82 -6.87 -14.10
C SER A 80 9.74 -6.85 -15.34
N ASN A 81 9.13 -6.69 -16.51
CA ASN A 81 9.82 -6.59 -17.83
C ASN A 81 10.53 -7.86 -18.26
N GLY A 82 10.16 -8.98 -17.64
CA GLY A 82 10.77 -10.28 -17.97
C GLY A 82 10.00 -11.17 -18.94
N TRP A 83 8.94 -10.61 -19.54
CA TRP A 83 8.23 -11.29 -20.64
C TRP A 83 7.60 -12.64 -20.30
N TYR A 84 7.27 -12.84 -19.01
CA TYR A 84 6.60 -14.10 -18.60
C TYR A 84 7.48 -15.29 -19.06
N THR A 85 8.79 -15.06 -18.99
CA THR A 85 9.78 -15.97 -19.54
C THR A 85 10.83 -16.30 -18.47
N ASP A 86 11.27 -17.55 -18.45
CA ASP A 86 12.46 -17.91 -17.65
C ASP A 86 13.67 -17.37 -18.42
N THR A 87 14.22 -16.27 -17.92
CA THR A 87 15.17 -15.45 -18.70
C THR A 87 16.59 -16.02 -18.78
N GLN A 88 17.44 -15.37 -19.57
CA GLN A 88 18.85 -15.79 -19.73
C GLN A 88 19.71 -15.32 -18.56
N TYR A 89 19.14 -14.46 -17.72
CA TYR A 89 19.90 -13.87 -16.61
C TYR A 89 19.45 -14.36 -15.23
N GLY A 90 18.81 -15.54 -15.22
CA GLY A 90 18.58 -16.24 -13.96
C GLY A 90 17.28 -15.96 -13.23
N PHE A 91 16.35 -15.22 -13.85
CA PHE A 91 15.05 -14.92 -13.24
C PHE A 91 13.99 -15.78 -13.91
N ASP A 92 13.41 -16.71 -13.16
CA ASP A 92 12.46 -17.68 -13.75
C ASP A 92 11.03 -17.14 -13.67
N TYR A 93 10.73 -16.10 -14.45
CA TYR A 93 9.43 -15.45 -14.36
C TYR A 93 8.30 -16.37 -14.82
N TYR A 94 8.57 -17.20 -15.83
CA TYR A 94 7.52 -18.13 -16.27
C TYR A 94 7.13 -19.11 -15.17
N THR A 95 8.11 -19.78 -14.59
CA THR A 95 7.85 -20.70 -13.49
C THR A 95 7.18 -20.00 -12.31
N ALA A 96 7.64 -18.78 -12.01
CA ALA A 96 7.09 -18.01 -10.90
C ALA A 96 5.59 -17.72 -11.09
N LEU A 97 5.21 -17.40 -12.31
CA LEU A 97 3.84 -16.97 -12.56
C LEU A 97 2.91 -18.10 -13.04
N ALA A 98 3.45 -19.07 -13.77
CA ALA A 98 2.61 -20.17 -14.29
C ALA A 98 2.44 -21.28 -13.28
N GLU A 99 3.42 -21.43 -12.40
CA GLU A 99 3.45 -22.56 -11.47
C GLU A 99 3.32 -22.10 -10.02
N GLU A 100 4.23 -21.24 -9.57
CA GLU A 100 4.28 -20.88 -8.15
C GLU A 100 3.08 -20.06 -7.68
N LEU A 101 2.77 -19.00 -8.43
CA LEU A 101 1.67 -18.13 -8.04
C LEU A 101 0.32 -18.86 -7.83
N PRO A 102 -0.12 -19.67 -8.80
CA PRO A 102 -1.36 -20.44 -8.55
C PRO A 102 -1.28 -21.28 -7.27
N GLN A 103 -0.13 -21.87 -6.95
CA GLN A 103 0.02 -22.68 -5.73
C GLN A 103 -0.11 -21.79 -4.48
N VAL A 104 0.53 -20.63 -4.52
CA VAL A 104 0.51 -19.68 -3.42
C VAL A 104 -0.93 -19.25 -3.16
N LEU A 105 -1.65 -18.94 -4.24
CA LEU A 105 -3.01 -18.45 -4.12
C LEU A 105 -3.99 -19.53 -3.66
N LYS A 106 -3.83 -20.75 -4.18
CA LYS A 106 -4.68 -21.90 -3.76
C LYS A 106 -4.60 -22.09 -2.25
N ARG A 107 -3.40 -21.91 -1.71
CA ARG A 107 -3.18 -22.07 -0.29
C ARG A 107 -3.87 -20.98 0.57
N PHE A 108 -3.78 -19.73 0.13
CA PHE A 108 -4.49 -18.63 0.77
C PHE A 108 -6.00 -18.71 0.60
N PHE A 109 -6.43 -19.02 -0.63
CA PHE A 109 -7.83 -18.93 -1.04
C PHE A 109 -8.41 -20.26 -1.51
N PRO A 110 -8.64 -21.21 -0.59
CA PRO A 110 -9.23 -22.49 -1.00
C PRO A 110 -10.59 -22.41 -1.73
N ASN A 111 -11.32 -21.31 -1.55
CA ASN A 111 -12.61 -21.17 -2.25
C ASN A 111 -12.47 -20.74 -3.71
N THR A 113 -11.74 -21.29 -7.45
CA THR A 113 -11.90 -22.47 -8.28
C THR A 113 -10.56 -23.12 -8.63
N SER A 114 -10.61 -24.43 -8.83
CA SER A 114 -9.47 -25.14 -9.40
C SER A 114 -9.88 -25.79 -10.73
N LYS A 115 -11.03 -25.37 -11.27
CA LYS A 115 -11.58 -25.97 -12.49
C LYS A 115 -11.20 -25.15 -13.73
N ARG A 116 -10.78 -25.83 -14.80
CA ARG A 116 -10.44 -25.14 -16.05
C ARG A 116 -11.62 -24.31 -16.58
N GLU A 117 -12.82 -24.89 -16.48
CA GLU A 117 -14.07 -24.23 -16.91
C GLU A 117 -14.29 -22.84 -16.33
N LYS A 118 -13.68 -22.58 -15.17
CA LYS A 118 -13.87 -21.33 -14.44
C LYS A 118 -12.58 -20.55 -14.24
N THR A 119 -11.53 -20.93 -14.98
CA THR A 119 -10.21 -20.27 -14.86
C THR A 119 -9.85 -19.60 -16.19
N PHE A 120 -9.61 -18.28 -16.14
CA PHE A 120 -9.45 -17.47 -17.33
C PHE A 120 -8.19 -16.62 -17.20
N ILE A 121 -7.73 -16.14 -18.35
CA ILE A 121 -6.53 -15.27 -18.35
C ILE A 121 -6.65 -14.22 -19.46
N ALA A 122 -6.07 -13.05 -19.23
CA ALA A 122 -6.13 -11.94 -20.21
C ALA A 122 -4.93 -11.05 -19.99
N GLY A 123 -4.49 -10.41 -21.05
CA GLY A 123 -3.31 -9.55 -20.94
C GLY A 123 -3.22 -8.59 -22.08
N LEU A 124 -2.57 -7.44 -21.85
CA LEU A 124 -2.31 -6.48 -22.94
C LEU A 124 -0.82 -6.48 -23.36
N SER A 125 -0.58 -6.28 -24.67
CA SER A 125 0.78 -6.16 -25.25
C SER A 125 1.76 -7.31 -24.83
N GLY A 127 1.79 -8.64 -22.11
CA GLY A 127 0.84 -9.48 -21.36
C GLY A 127 -0.06 -10.32 -22.26
N GLY A 128 -0.30 -9.85 -23.48
CA GLY A 128 -1.05 -10.68 -24.47
C GLY A 128 -0.24 -11.91 -24.89
N TYR A 129 1.05 -11.68 -25.17
CA TYR A 129 2.01 -12.78 -25.39
C TYR A 129 2.04 -13.71 -24.17
N GLY A 130 2.23 -13.16 -22.99
CA GLY A 130 2.28 -13.96 -21.76
C GLY A 130 0.98 -14.74 -21.54
N CYS A 131 -0.15 -14.10 -21.82
CA CYS A 131 -1.46 -14.74 -21.72
C CYS A 131 -1.56 -15.98 -22.63
N PHE A 132 -1.26 -15.80 -23.91
CA PHE A 132 -1.35 -16.91 -24.86
C PHE A 132 -0.33 -17.99 -24.50
N LYS A 133 0.86 -17.58 -24.07
CA LYS A 133 1.90 -18.53 -23.66
C LYS A 133 1.42 -19.43 -22.53
N LEU A 134 0.93 -18.80 -21.46
CA LEU A 134 0.44 -19.55 -20.32
C LEU A 134 -0.75 -20.42 -20.71
N ALA A 135 -1.67 -19.88 -21.50
CA ALA A 135 -2.80 -20.68 -22.01
C ALA A 135 -2.34 -21.93 -22.77
N LEU A 136 -1.34 -21.77 -23.63
CA LEU A 136 -0.90 -22.88 -24.49
C LEU A 136 -0.12 -23.95 -23.75
N THR A 137 0.65 -23.54 -22.75
CA THR A 137 1.61 -24.46 -22.14
C THR A 137 1.04 -25.14 -20.90
N THR A 138 0.09 -24.50 -20.23
CA THR A 138 -0.43 -25.05 -18.95
C THR A 138 -1.65 -25.92 -19.11
N ASN A 139 -2.47 -25.64 -20.13
CA ASN A 139 -3.78 -26.30 -20.27
C ASN A 139 -4.67 -26.13 -19.03
N ARG A 140 -4.47 -25.03 -18.29
CA ARG A 140 -5.26 -24.78 -17.07
C ARG A 140 -6.39 -23.78 -17.28
N PHE A 141 -6.46 -23.18 -18.47
CA PHE A 141 -7.41 -22.10 -18.72
C PHE A 141 -8.44 -22.49 -19.77
N SER A 142 -9.68 -22.04 -19.59
CA SER A 142 -10.73 -22.25 -20.61
C SER A 142 -10.83 -21.12 -21.65
N HIS A 143 -10.48 -19.91 -21.23
CA HIS A 143 -10.57 -18.71 -22.05
C HIS A 143 -9.32 -17.89 -21.84
N ALA A 144 -8.74 -17.40 -22.92
CA ALA A 144 -7.53 -16.59 -22.83
C ALA A 144 -7.64 -15.44 -23.81
N ALA A 145 -7.44 -14.22 -23.33
CA ALA A 145 -7.64 -13.01 -24.15
C ALA A 145 -6.40 -12.14 -24.26
N SER A 146 -6.09 -11.73 -25.48
CA SER A 146 -4.95 -10.85 -25.75
C SER A 146 -5.48 -9.53 -26.27
N PHE A 147 -5.01 -8.44 -25.67
CA PHE A 147 -5.37 -7.09 -26.14
C PHE A 147 -4.14 -6.41 -26.73
N SER A 148 -4.13 -6.24 -28.06
CA SER A 148 -2.96 -5.66 -28.75
C SER A 148 -1.69 -6.43 -28.37
N GLY A 149 -1.77 -7.75 -28.38
CA GLY A 149 -0.68 -8.59 -27.85
C GLY A 149 0.54 -8.59 -28.75
N ALA A 150 1.71 -8.78 -28.15
CA ALA A 150 2.96 -8.93 -28.89
C ALA A 150 3.05 -10.40 -29.33
N LEU A 151 2.18 -10.77 -30.27
CA LEU A 151 1.95 -12.19 -30.54
C LEU A 151 2.98 -12.82 -31.47
N SER A 152 3.79 -11.99 -32.12
CA SER A 152 4.90 -12.46 -32.96
C SER A 152 5.97 -11.40 -33.10
N PHE A 153 7.24 -11.84 -33.16
CA PHE A 153 8.36 -10.98 -33.56
C PHE A 153 8.89 -11.35 -34.95
N GLN A 154 8.13 -12.14 -35.71
CA GLN A 154 8.58 -12.50 -37.07
C GLN A 154 8.49 -11.28 -37.99
N ASN A 155 7.40 -10.53 -37.84
CA ASN A 155 7.11 -9.37 -38.68
C ASN A 155 6.88 -8.14 -37.80
N PHE A 156 7.40 -8.19 -36.59
CA PHE A 156 7.45 -7.03 -35.72
C PHE A 156 8.83 -7.01 -35.07
N SER A 157 9.47 -5.85 -35.08
CA SER A 157 10.74 -5.66 -34.39
C SER A 157 10.64 -4.53 -33.37
N PRO A 158 11.24 -4.73 -32.18
CA PRO A 158 11.29 -3.64 -31.21
C PRO A 158 12.11 -2.45 -31.70
N GLU A 159 12.90 -2.65 -32.75
CA GLU A 159 13.68 -1.56 -33.32
C GLU A 159 12.81 -0.53 -34.05
N SER A 160 11.59 -0.92 -34.40
CA SER A 160 10.65 -0.03 -35.10
C SER A 160 10.26 1.16 -34.23
N GLN A 161 10.18 0.93 -32.92
CA GLN A 161 9.86 2.01 -32.01
C GLN A 161 10.96 2.25 -30.98
N ASN A 162 12.08 1.57 -31.17
CA ASN A 162 13.20 1.63 -30.22
C ASN A 162 12.76 1.23 -28.81
N LEU A 163 12.12 0.06 -28.72
CA LEU A 163 11.75 -0.50 -27.44
C LEU A 163 12.92 -1.31 -26.90
N GLY A 164 13.24 -1.12 -25.62
CA GLY A 164 14.37 -1.83 -25.00
C GLY A 164 15.72 -1.56 -25.66
N SER A 165 16.54 -2.61 -25.77
CA SER A 165 17.92 -2.49 -26.23
C SER A 165 18.38 -3.90 -26.58
N PRO A 166 19.46 -4.03 -27.40
CA PRO A 166 19.99 -5.36 -27.73
C PRO A 166 20.27 -6.22 -26.49
N ALA A 167 20.93 -5.65 -25.49
CA ALA A 167 21.22 -6.39 -24.25
C ALA A 167 19.93 -6.83 -23.57
N TYR A 168 18.93 -5.96 -23.56
CA TYR A 168 17.65 -6.29 -22.95
C TYR A 168 16.99 -7.48 -23.65
N TRP A 169 16.90 -7.42 -24.98
CA TRP A 169 16.22 -8.50 -25.73
C TRP A 169 16.98 -9.82 -25.64
N ARG A 170 18.31 -9.75 -25.64
CA ARG A 170 19.15 -10.94 -25.42
C ARG A 170 18.93 -11.52 -24.01
N GLY A 171 18.72 -10.64 -23.04
CA GLY A 171 18.42 -11.05 -21.68
C GLY A 171 17.16 -11.88 -21.59
N VAL A 172 16.16 -11.57 -22.42
CA VAL A 172 14.90 -12.30 -22.40
C VAL A 172 14.94 -13.56 -23.25
N PHE A 173 15.40 -13.44 -24.48
CA PHE A 173 15.27 -14.50 -25.48
C PHE A 173 16.58 -15.09 -25.99
N GLY A 174 17.72 -14.57 -25.52
CA GLY A 174 19.01 -14.92 -26.11
C GLY A 174 19.08 -14.43 -27.55
N GLU A 175 19.96 -15.04 -28.34
CA GLU A 175 20.09 -14.70 -29.75
C GLU A 175 19.03 -15.46 -30.55
N ILE A 176 18.23 -14.74 -31.32
CA ILE A 176 17.19 -15.37 -32.15
C ILE A 176 17.52 -15.23 -33.64
N ARG A 177 17.67 -16.36 -34.31
CA ARG A 177 17.86 -16.43 -35.77
C ARG A 177 16.55 -16.07 -36.47
N ASP A 178 15.49 -16.68 -35.99
CA ASP A 178 14.18 -16.62 -36.61
C ASP A 178 13.17 -16.79 -35.50
N TRP A 179 12.28 -15.82 -35.34
CA TRP A 179 11.33 -15.86 -34.22
C TRP A 179 10.42 -17.08 -34.28
N THR A 180 9.78 -17.29 -35.43
CA THR A 180 8.73 -18.30 -35.51
C THR A 180 9.22 -19.71 -35.19
N THR A 181 10.43 -20.02 -35.64
CA THR A 181 11.01 -21.33 -35.37
C THR A 181 11.70 -21.47 -34.01
N SER A 182 11.88 -20.35 -33.28
CA SER A 182 12.47 -20.41 -31.93
C SER A 182 11.47 -21.04 -30.93
N PRO A 183 11.98 -21.56 -29.80
CA PRO A 183 11.05 -22.14 -28.79
C PRO A 183 10.15 -21.10 -28.10
N TYR A 184 10.40 -19.83 -28.37
CA TYR A 184 9.66 -18.72 -27.75
C TYR A 184 8.41 -18.34 -28.49
N SER A 185 8.31 -18.74 -29.75
CA SER A 185 7.13 -18.35 -30.54
C SER A 185 5.87 -19.03 -30.01
N LEU A 186 4.73 -18.35 -30.15
CA LEU A 186 3.45 -18.98 -29.82
C LEU A 186 3.24 -20.25 -30.65
N GLU A 187 3.71 -20.23 -31.90
CA GLU A 187 3.64 -21.37 -32.81
C GLU A 187 4.37 -22.63 -32.29
N SER A 188 5.56 -22.43 -31.74
CA SER A 188 6.29 -23.48 -31.05
C SER A 188 5.63 -23.90 -29.75
N LEU A 189 5.25 -22.90 -28.95
CA LEU A 189 4.62 -23.17 -27.65
C LEU A 189 3.30 -23.92 -27.80
N ALA A 190 2.63 -23.72 -28.94
CA ALA A 190 1.37 -24.40 -29.23
C ALA A 190 1.48 -25.92 -29.17
N LYS A 191 2.67 -26.44 -29.42
CA LYS A 191 2.89 -27.89 -29.39
C LYS A 191 2.58 -28.52 -28.04
N LYS A 192 2.61 -27.68 -26.99
CA LYS A 192 2.32 -28.13 -25.62
C LYS A 192 0.82 -28.12 -25.29
N SER A 193 0.01 -27.58 -26.19
CA SER A 193 -1.42 -27.40 -25.94
C SER A 193 -2.25 -28.59 -26.35
N ASP A 194 -3.29 -28.86 -25.57
CA ASP A 194 -4.33 -29.81 -25.98
C ASP A 194 -5.38 -29.22 -26.93
N LYS A 195 -5.23 -27.93 -27.25
CA LYS A 195 -6.12 -27.18 -28.17
C LYS A 195 -7.51 -26.90 -27.60
N LYS A 196 -7.71 -27.19 -26.32
CA LYS A 196 -9.04 -27.05 -25.70
C LYS A 196 -9.30 -25.65 -25.13
N THR A 197 -8.35 -24.74 -25.26
CA THR A 197 -8.56 -23.38 -24.78
C THR A 197 -9.19 -22.50 -25.86
N LYS A 198 -10.19 -21.73 -25.48
CA LYS A 198 -10.76 -20.73 -26.37
C LYS A 198 -9.87 -19.50 -26.35
N LEU A 199 -9.20 -19.25 -27.46
CA LEU A 199 -8.33 -18.08 -27.58
C LEU A 199 -9.09 -16.89 -28.16
N TRP A 200 -8.84 -15.70 -27.61
CA TRP A 200 -9.58 -14.47 -27.98
C TRP A 200 -8.54 -13.39 -28.18
N ALA A 201 -8.61 -12.64 -29.27
CA ALA A 201 -7.63 -11.56 -29.49
C ALA A 201 -8.30 -10.38 -30.11
N TRP A 202 -7.90 -9.18 -29.66
CA TRP A 202 -8.25 -7.96 -30.37
C TRP A 202 -6.99 -7.18 -30.66
N CYS A 203 -6.98 -6.46 -31.76
CA CYS A 203 -5.91 -5.49 -32.01
C CYS A 203 -6.45 -4.33 -32.79
N GLY A 204 -5.97 -3.13 -32.47
CA GLY A 204 -6.38 -1.93 -33.24
C GLY A 204 -5.67 -1.90 -34.57
N GLU A 205 -6.34 -1.34 -35.58
CA GLU A 205 -5.82 -1.36 -36.93
C GLU A 205 -4.67 -0.36 -37.12
N GLN A 206 -4.53 0.57 -36.19
CA GLN A 206 -3.42 1.54 -36.22
C GLN A 206 -2.42 1.25 -35.11
N ASP A 207 -2.25 -0.04 -34.82
CA ASP A 207 -1.26 -0.49 -33.85
C ASP A 207 -0.04 -1.06 -34.56
N PHE A 208 1.13 -0.74 -34.05
CA PHE A 208 2.37 -1.30 -34.60
C PHE A 208 2.37 -2.83 -34.58
N LEU A 209 1.55 -3.42 -33.71
CA LEU A 209 1.45 -4.87 -33.56
C LEU A 209 0.35 -5.52 -34.42
N TYR A 210 -0.37 -4.71 -35.20
CA TYR A 210 -1.51 -5.27 -35.98
C TYR A 210 -1.09 -6.42 -36.89
N GLU A 211 -0.03 -6.24 -37.68
CA GLU A 211 0.39 -7.34 -38.56
C GLU A 211 0.91 -8.55 -37.80
N ALA A 212 1.57 -8.32 -36.67
CA ALA A 212 1.98 -9.43 -35.81
C ALA A 212 0.79 -10.25 -35.34
N ASN A 213 -0.28 -9.57 -34.98
CA ASN A 213 -1.53 -10.22 -34.58
C ASN A 213 -2.13 -11.00 -35.75
N ASN A 214 -2.17 -10.37 -36.92
CA ASN A 214 -2.70 -11.05 -38.10
C ASN A 214 -1.97 -12.36 -38.37
N LEU A 215 -0.64 -12.33 -38.26
CA LEU A 215 0.20 -13.50 -38.52
C LEU A 215 0.02 -14.61 -37.48
N ALA A 216 0.12 -14.25 -36.20
CA ALA A 216 -0.04 -15.22 -35.11
C ALA A 216 -1.41 -15.89 -35.19
N VAL A 217 -2.46 -15.09 -35.39
CA VAL A 217 -3.82 -15.62 -35.52
C VAL A 217 -3.90 -16.59 -36.70
N LYS A 218 -3.36 -16.20 -37.85
CA LYS A 218 -3.33 -17.05 -39.04
C LYS A 218 -2.62 -18.38 -38.74
N ASN A 219 -1.46 -18.30 -38.11
CA ASN A 219 -0.68 -19.50 -37.81
C ASN A 219 -1.35 -20.43 -36.81
N LEU A 220 -1.93 -19.85 -35.77
CA LEU A 220 -2.62 -20.66 -34.77
C LEU A 220 -3.88 -21.34 -35.35
N LYS A 221 -4.59 -20.64 -36.23
CA LYS A 221 -5.76 -21.23 -36.87
C LYS A 221 -5.37 -22.38 -37.81
N LYS A 222 -4.24 -22.22 -38.50
CA LYS A 222 -3.69 -23.27 -39.37
C LYS A 222 -3.37 -24.53 -38.59
N LEU A 223 -2.97 -24.35 -37.32
CA LEU A 223 -2.63 -25.47 -36.44
C LEU A 223 -3.87 -26.08 -35.78
N GLY A 224 -5.04 -25.53 -36.08
CA GLY A 224 -6.30 -26.08 -35.59
C GLY A 224 -6.83 -25.55 -34.29
N PHE A 225 -6.24 -24.45 -33.81
CA PHE A 225 -6.72 -23.78 -32.59
C PHE A 225 -8.03 -23.02 -32.76
N ASP A 226 -8.77 -22.91 -31.67
CA ASP A 226 -10.04 -22.16 -31.60
C ASP A 226 -9.68 -20.71 -31.29
N VAL A 227 -9.63 -19.87 -32.32
CA VAL A 227 -9.17 -18.48 -32.16
C VAL A 227 -10.23 -17.51 -32.68
N THR A 228 -10.69 -16.62 -31.81
CA THR A 228 -11.61 -15.56 -32.17
C THR A 228 -10.83 -14.26 -32.21
N TYR A 229 -10.78 -13.64 -33.38
CA TYR A 229 -9.97 -12.44 -33.56
C TYR A 229 -10.81 -11.30 -34.10
N SER A 230 -10.72 -10.17 -33.42
CA SER A 230 -11.46 -8.97 -33.79
C SER A 230 -10.50 -7.80 -33.93
N HIS A 231 -10.87 -6.84 -34.77
CA HIS A 231 -10.04 -5.67 -34.96
C HIS A 231 -10.91 -4.54 -35.44
N SER A 232 -10.49 -3.32 -35.09
CA SER A 232 -11.22 -2.10 -35.41
C SER A 232 -10.23 -0.95 -35.33
N ALA A 233 -10.66 0.25 -35.71
CA ALA A 233 -9.83 1.43 -35.53
C ALA A 233 -9.39 1.48 -34.07
N GLY A 234 -8.12 1.80 -33.86
CA GLY A 234 -7.60 1.89 -32.50
C GLY A 234 -6.10 1.83 -32.49
N THR A 235 -5.54 2.26 -31.37
CA THR A 235 -4.11 2.42 -31.22
C THR A 235 -3.66 1.69 -29.96
N HIS A 236 -2.37 1.82 -29.64
CA HIS A 236 -1.75 1.10 -28.54
C HIS A 236 -1.90 1.90 -27.25
N GLU A 237 -3.14 1.95 -26.74
CA GLU A 237 -3.48 2.78 -25.57
C GLU A 237 -4.44 2.11 -24.62
N TRP A 238 -4.34 2.49 -23.34
CA TRP A 238 -5.17 1.94 -22.27
C TRP A 238 -6.68 2.09 -22.49
N TYR A 239 -7.10 3.18 -23.12
CA TYR A 239 -8.50 3.34 -23.43
C TYR A 239 -9.04 2.09 -24.13
N TYR A 240 -8.32 1.61 -25.14
CA TYR A 240 -8.76 0.45 -25.93
C TYR A 240 -8.68 -0.87 -25.16
N TRP A 241 -7.63 -1.03 -24.36
CA TRP A 241 -7.45 -2.25 -23.60
C TRP A 241 -8.54 -2.37 -22.56
N GLU A 242 -8.91 -1.26 -21.95
CA GLU A 242 -10.01 -1.27 -20.99
C GLU A 242 -11.32 -1.66 -21.69
N LYS A 243 -11.56 -1.09 -22.86
CA LYS A 243 -12.78 -1.37 -23.61
C LYS A 243 -12.84 -2.84 -24.02
N GLN A 244 -11.70 -3.39 -24.43
CA GLN A 244 -11.67 -4.80 -24.82
C GLN A 244 -11.76 -5.76 -23.64
N LEU A 245 -11.23 -5.36 -22.49
CA LEU A 245 -11.48 -6.16 -21.29
C LEU A 245 -12.98 -6.26 -21.02
N GLU A 246 -13.69 -5.12 -21.11
CA GLU A 246 -15.14 -5.08 -20.93
C GLU A 246 -15.81 -6.09 -21.87
N VAL A 247 -15.42 -6.05 -23.15
CA VAL A 247 -15.96 -7.00 -24.13
C VAL A 247 -15.68 -8.45 -23.72
N PHE A 248 -14.42 -8.73 -23.40
CA PHE A 248 -14.04 -10.07 -22.96
C PHE A 248 -14.87 -10.56 -21.77
N LEU A 249 -15.10 -9.71 -20.78
CA LEU A 249 -15.87 -10.10 -19.59
C LEU A 249 -17.29 -10.55 -19.97
N THR A 250 -17.87 -9.93 -20.99
CA THR A 250 -19.23 -10.33 -21.43
C THR A 250 -19.27 -11.72 -22.06
N THR A 251 -18.11 -12.22 -22.48
CA THR A 251 -18.02 -13.54 -23.11
C THR A 251 -17.87 -14.69 -22.11
N LEU A 252 -17.46 -14.36 -20.88
CA LEU A 252 -17.15 -15.36 -19.85
C LEU A 252 -18.42 -15.84 -19.14
N PRO A 253 -18.38 -17.08 -18.63
CA PRO A 253 -19.52 -17.68 -17.92
C PRO A 253 -19.65 -17.15 -16.48
N ILE A 254 -19.86 -15.85 -16.33
CA ILE A 254 -19.82 -15.17 -15.02
C ILE A 254 -20.96 -14.16 -14.76
N ASP A 255 -21.92 -14.07 -15.67
CA ASP A 255 -23.08 -13.17 -15.49
C ASP A 255 -22.69 -11.69 -15.37
N PHE A 256 -21.71 -11.27 -16.16
CA PHE A 256 -21.22 -9.91 -16.07
C PHE A 256 -22.24 -8.92 -16.67
N LYS A 257 -22.43 -7.78 -16.01
CA LYS A 257 -23.27 -6.71 -16.54
C LYS A 257 -22.53 -5.39 -16.49
N LEU A 258 -22.51 -4.68 -17.62
CA LEU A 258 -21.81 -3.40 -17.70
C LEU A 258 -22.60 -2.30 -16.98
N GLU A 259 -21.89 -1.39 -16.31
CA GLU A 259 -22.51 -0.25 -15.62
C GLU A 259 -23.36 0.58 -16.56
N GLU A 260 -24.36 1.27 -15.99
CA GLU A 260 -25.22 2.17 -16.75
C GLU A 260 -24.43 3.39 -17.21
N ARG A 261 -24.60 3.76 -18.47
CA ARG A 261 -23.94 4.91 -19.06
C ARG A 261 -24.93 5.67 -19.93
N LEU A 262 -25.74 6.51 -19.30
CA LEU A 262 -26.76 7.29 -20.02
C LEU A 262 -26.14 8.43 -20.83
N GLY B 1 2.14 8.56 15.80
CA GLY B 1 1.97 9.60 16.87
C GLY B 1 2.77 10.85 16.57
N ALA B 2 2.61 11.86 17.41
CA ALA B 2 3.42 13.06 17.32
C ALA B 2 4.89 12.67 17.33
N ASP B 4 6.60 11.06 15.22
CA ASP B 4 6.88 9.92 14.34
C ASP B 4 7.01 10.40 12.89
N PRO B 5 7.83 9.72 12.07
CA PRO B 5 7.96 10.16 10.68
C PRO B 5 6.69 9.89 9.89
N ALA B 6 6.41 10.77 8.94
CA ALA B 6 5.42 10.44 7.92
C ALA B 6 6.03 9.36 7.03
N VAL B 7 5.19 8.50 6.47
CA VAL B 7 5.65 7.49 5.53
C VAL B 7 5.01 7.76 4.18
N LYS B 9 4.74 6.13 0.41
CA LYS B 9 4.95 5.05 -0.52
C LYS B 9 4.76 5.70 -1.90
N ILE B 10 5.83 5.73 -2.68
CA ILE B 10 5.86 6.47 -3.95
C ILE B 10 5.91 5.57 -5.15
N GLU B 11 4.93 5.76 -6.04
CA GLU B 11 4.91 5.11 -7.35
C GLU B 11 5.39 6.17 -8.34
N TYR B 12 6.52 5.91 -8.99
CA TYR B 12 7.01 6.83 -10.00
C TYR B 12 7.48 6.05 -11.22
N TYR B 13 7.59 6.73 -12.35
CA TYR B 13 8.09 6.09 -13.56
C TYR B 13 9.59 6.32 -13.66
N SER B 14 10.33 5.22 -13.77
CA SER B 14 11.76 5.28 -14.06
C SER B 14 12.02 5.33 -15.56
N GLN B 15 12.48 6.47 -16.05
CA GLN B 15 12.88 6.57 -17.44
C GLN B 15 14.12 5.73 -17.70
N VAL B 16 15.00 5.64 -16.71
CA VAL B 16 16.24 4.85 -16.89
C VAL B 16 15.94 3.35 -17.09
N LEU B 17 14.98 2.84 -16.30
CA LEU B 17 14.60 1.42 -16.34
C LEU B 17 13.47 1.20 -17.34
N ASP B 18 12.87 2.30 -17.78
CA ASP B 18 11.64 2.27 -18.56
C ASP B 18 10.60 1.37 -17.94
N GLU B 20 7.48 1.32 -14.49
CA GLU B 20 6.86 1.76 -13.27
C GLU B 20 7.73 1.24 -12.14
N TRP B 21 8.05 2.11 -11.18
CA TRP B 21 8.98 1.74 -10.12
C TRP B 21 8.50 2.30 -8.80
N GLY B 22 9.24 2.06 -7.74
CA GLY B 22 8.78 2.51 -6.44
C GLY B 22 9.89 2.79 -5.47
N VAL B 23 9.59 3.63 -4.49
CA VAL B 23 10.49 3.88 -3.35
C VAL B 23 9.62 4.23 -2.16
N ASN B 24 10.18 4.04 -0.97
CA ASN B 24 9.55 4.50 0.26
C ASN B 24 10.38 5.62 0.87
N VAL B 25 9.71 6.59 1.49
CA VAL B 25 10.40 7.69 2.13
C VAL B 25 9.80 7.89 3.51
N LEU B 26 10.68 8.02 4.52
CA LEU B 26 10.32 8.54 5.83
C LEU B 26 10.63 10.05 5.91
N TYR B 27 9.63 10.83 6.29
CA TYR B 27 9.78 12.29 6.30
C TYR B 27 9.54 12.79 7.72
N PRO B 28 10.51 13.51 8.29
CA PRO B 28 10.38 13.86 9.71
C PRO B 28 9.28 14.88 9.99
N ASP B 29 8.85 14.91 11.25
CA ASP B 29 7.81 15.83 11.73
C ASP B 29 8.34 17.26 11.76
N ASP B 40 16.79 22.46 4.68
CA ASP B 40 18.07 21.80 4.45
C ASP B 40 18.15 20.53 5.31
N ILE B 41 17.20 19.61 5.08
CA ILE B 41 17.01 18.45 5.95
C ILE B 41 17.92 17.31 5.54
N PRO B 42 18.71 16.76 6.49
CA PRO B 42 19.62 15.66 6.14
C PRO B 42 18.87 14.45 5.55
N VAL B 43 19.58 13.70 4.72
CA VAL B 43 18.99 12.51 4.08
C VAL B 43 19.88 11.29 4.25
N LEU B 44 19.24 10.16 4.57
CA LEU B 44 19.90 8.85 4.61
C LEU B 44 19.25 7.97 3.54
N TYR B 45 20.04 7.49 2.58
CA TYR B 45 19.61 6.40 1.68
C TYR B 45 19.87 5.05 2.35
N LEU B 46 18.82 4.22 2.44
CA LEU B 46 18.88 2.98 3.18
C LEU B 46 18.60 1.83 2.21
N LEU B 47 19.62 1.00 1.95
CA LEU B 47 19.60 0.03 0.85
C LEU B 47 19.33 -1.40 1.31
N HIS B 48 18.46 -2.10 0.58
CA HIS B 48 18.07 -3.45 0.92
C HIS B 48 19.09 -4.47 0.43
N GLY B 49 18.95 -5.71 0.88
CA GLY B 49 19.85 -6.78 0.47
C GLY B 49 19.23 -7.73 -0.54
N SER B 51 17.22 -10.60 -2.28
CA SER B 51 15.86 -11.10 -2.01
C SER B 51 14.93 -9.98 -1.51
N GLY B 52 15.49 -8.78 -1.31
CA GLY B 52 14.72 -7.69 -0.73
C GLY B 52 14.25 -6.67 -1.74
N ASN B 53 13.60 -5.62 -1.26
CA ASN B 53 13.20 -4.52 -2.11
C ASN B 53 13.02 -3.28 -1.26
N HIS B 54 12.39 -2.25 -1.82
CA HIS B 54 12.23 -0.99 -1.12
C HIS B 54 11.43 -1.11 0.19
N ASN B 55 10.68 -2.20 0.35
CA ASN B 55 9.93 -2.44 1.58
C ASN B 55 10.73 -3.10 2.70
N SER B 56 11.94 -3.59 2.38
CA SER B 56 12.64 -4.47 3.30
C SER B 56 12.90 -3.84 4.67
N TRP B 57 13.48 -2.65 4.71
CA TRP B 57 13.80 -2.07 6.01
C TRP B 57 12.55 -1.82 6.85
N LEU B 58 11.44 -1.50 6.18
CA LEU B 58 10.20 -1.27 6.90
C LEU B 58 9.59 -2.58 7.38
N LYS B 59 9.74 -3.64 6.59
CA LYS B 59 9.18 -4.95 6.96
C LYS B 59 10.00 -5.71 7.99
N ARG B 60 11.31 -5.46 8.02
CA ARG B 60 12.24 -6.31 8.76
C ARG B 60 12.91 -5.66 9.96
N THR B 61 12.63 -4.37 10.21
CA THR B 61 13.24 -3.66 11.35
C THR B 61 12.29 -2.65 11.97
N ASN B 62 12.67 -2.10 13.13
CA ASN B 62 11.96 -0.98 13.74
C ASN B 62 12.51 0.40 13.34
N VAL B 63 13.07 0.50 12.13
CA VAL B 63 13.55 1.79 11.60
C VAL B 63 12.52 2.92 11.78
N GLU B 64 11.24 2.62 11.58
CA GLU B 64 10.20 3.65 11.72
C GLU B 64 10.17 4.19 13.14
N ARG B 65 10.20 3.31 14.12
CA ARG B 65 10.18 3.71 15.53
C ARG B 65 11.50 4.39 15.94
N LEU B 66 12.58 3.91 15.36
CA LEU B 66 13.93 4.41 15.60
C LEU B 66 14.07 5.89 15.22
N LEU B 67 13.37 6.29 14.17
CA LEU B 67 13.45 7.64 13.62
C LEU B 67 12.53 8.65 14.31
N ARG B 68 11.78 8.21 15.32
CA ARG B 68 10.92 9.11 16.09
C ARG B 68 11.73 10.32 16.62
N GLY B 69 11.25 11.53 16.30
CA GLY B 69 11.86 12.77 16.79
C GLY B 69 13.19 13.18 16.15
N THR B 70 13.60 12.45 15.11
CA THR B 70 14.89 12.65 14.45
C THR B 70 14.73 13.40 13.11
N ASN B 71 15.48 14.50 12.96
CA ASN B 71 15.40 15.33 11.75
C ASN B 71 16.23 14.72 10.61
N LEU B 72 15.66 13.70 9.99
CA LEU B 72 16.36 12.95 8.95
C LEU B 72 15.31 12.38 8.01
N ILE B 73 15.46 12.66 6.72
CA ILE B 73 14.66 11.99 5.68
C ILE B 73 15.33 10.64 5.39
N VAL B 74 14.55 9.57 5.30
CA VAL B 74 15.11 8.27 4.93
C VAL B 74 14.50 7.85 3.60
N VAL B 75 15.36 7.50 2.65
CA VAL B 75 14.94 7.07 1.32
C VAL B 75 15.30 5.60 1.12
N PRO B 77 15.29 2.84 -1.70
CA PRO B 77 15.16 2.47 -3.12
C PRO B 77 14.94 0.96 -3.31
N ASN B 78 14.64 0.56 -4.56
CA ASN B 78 14.56 -0.84 -4.93
C ASN B 78 15.54 -1.12 -6.10
N THR B 79 16.41 -2.11 -5.94
CA THR B 79 17.26 -2.60 -7.05
C THR B 79 16.89 -4.03 -7.53
N SER B 80 15.88 -4.64 -6.90
CA SER B 80 15.30 -5.90 -7.39
C SER B 80 16.31 -6.98 -7.82
N ASN B 81 17.20 -7.32 -6.89
CA ASN B 81 18.22 -8.38 -7.10
C ASN B 81 19.24 -8.05 -8.18
N GLY B 82 19.31 -6.76 -8.53
CA GLY B 82 20.23 -6.29 -9.57
C GLY B 82 21.53 -5.68 -9.07
N TRP B 83 21.80 -5.79 -7.77
CA TRP B 83 23.11 -5.44 -7.21
C TRP B 83 23.54 -3.97 -7.37
N TYR B 84 22.57 -3.06 -7.48
CA TYR B 84 22.90 -1.62 -7.63
C TYR B 84 23.89 -1.46 -8.77
N THR B 85 23.71 -2.26 -9.82
CA THR B 85 24.65 -2.34 -10.94
C THR B 85 23.90 -2.18 -12.27
N ASP B 86 24.53 -1.52 -13.25
CA ASP B 86 24.01 -1.49 -14.61
C ASP B 86 24.35 -2.87 -15.19
N THR B 87 23.34 -3.72 -15.26
CA THR B 87 23.53 -5.16 -15.49
C THR B 87 23.86 -5.49 -16.94
N GLN B 88 24.15 -6.78 -17.19
CA GLN B 88 24.42 -7.30 -18.52
C GLN B 88 23.16 -7.53 -19.37
N TYR B 89 21.99 -7.41 -18.73
CA TYR B 89 20.71 -7.73 -19.38
C TYR B 89 19.82 -6.49 -19.56
N GLY B 90 20.45 -5.31 -19.56
CA GLY B 90 19.78 -4.09 -20.00
C GLY B 90 19.02 -3.30 -18.95
N PHE B 91 19.21 -3.64 -17.67
CA PHE B 91 18.62 -2.90 -16.56
C PHE B 91 19.70 -2.08 -15.87
N ASP B 92 19.63 -0.76 -16.06
CA ASP B 92 20.65 0.15 -15.53
C ASP B 92 20.29 0.57 -14.11
N TYR B 93 20.39 -0.37 -13.16
CA TYR B 93 20.02 -0.10 -11.78
C TYR B 93 20.93 0.91 -11.11
N TYR B 94 22.22 0.91 -11.46
CA TYR B 94 23.12 1.90 -10.85
C TYR B 94 22.68 3.31 -11.27
N THR B 95 22.52 3.52 -12.57
CA THR B 95 22.11 4.84 -13.05
C THR B 95 20.75 5.24 -12.48
N ALA B 96 19.83 4.28 -12.39
CA ALA B 96 18.50 4.58 -11.88
C ALA B 96 18.53 5.04 -10.41
N LEU B 97 19.41 4.46 -9.61
CA LEU B 97 19.37 4.71 -8.17
C LEU B 97 20.39 5.78 -7.74
N ALA B 98 21.51 5.86 -8.45
CA ALA B 98 22.57 6.84 -8.16
C ALA B 98 22.24 8.22 -8.69
N GLU B 99 21.58 8.26 -9.85
CA GLU B 99 21.35 9.52 -10.58
C GLU B 99 19.88 9.89 -10.67
N GLU B 100 19.06 8.98 -11.18
CA GLU B 100 17.65 9.31 -11.42
C GLU B 100 16.86 9.53 -10.11
N LEU B 101 16.94 8.59 -9.17
CA LEU B 101 16.11 8.71 -7.97
C LEU B 101 16.36 10.03 -7.20
N PRO B 102 17.64 10.40 -6.94
CA PRO B 102 17.86 11.68 -6.26
C PRO B 102 17.27 12.88 -7.02
N GLN B 103 17.31 12.85 -8.34
CA GLN B 103 16.72 13.93 -9.15
C GLN B 103 15.18 13.96 -8.99
N VAL B 104 14.55 12.80 -9.07
CA VAL B 104 13.10 12.65 -8.87
C VAL B 104 12.66 13.18 -7.49
N LEU B 105 13.35 12.75 -6.44
CA LEU B 105 12.97 13.14 -5.09
C LEU B 105 13.23 14.62 -4.79
N LYS B 106 14.28 15.19 -5.36
CA LYS B 106 14.58 16.62 -5.22
C LYS B 106 13.43 17.49 -5.76
N ARG B 107 12.80 17.04 -6.85
CA ARG B 107 11.64 17.70 -7.44
C ARG B 107 10.47 17.74 -6.46
N PHE B 108 10.20 16.60 -5.82
CA PHE B 108 9.11 16.48 -4.87
C PHE B 108 9.40 17.20 -3.57
N PHE B 109 10.65 17.04 -3.12
CA PHE B 109 11.07 17.49 -1.79
C PHE B 109 12.23 18.47 -1.83
N PRO B 110 11.97 19.71 -2.28
CA PRO B 110 13.04 20.72 -2.32
C PRO B 110 13.77 21.00 -0.99
N ASN B 111 13.12 20.72 0.15
CA ASN B 111 13.74 20.95 1.48
C ASN B 111 14.76 19.89 1.87
N THR B 113 18.23 18.17 1.82
CA THR B 113 19.55 18.76 1.61
C THR B 113 20.14 18.39 0.26
N SER B 114 20.99 19.28 -0.24
CA SER B 114 21.82 18.99 -1.37
C SER B 114 23.31 19.01 -0.96
N LYS B 115 23.57 19.02 0.36
CA LYS B 115 24.94 19.11 0.88
C LYS B 115 25.51 17.76 1.23
N ARG B 116 26.75 17.53 0.82
CA ARG B 116 27.43 16.26 1.09
C ARG B 116 27.47 15.99 2.59
N GLU B 117 27.72 17.03 3.38
CA GLU B 117 27.90 16.87 4.83
C GLU B 117 26.63 16.41 5.55
N LYS B 118 25.50 16.49 4.85
CA LYS B 118 24.20 16.11 5.41
C LYS B 118 23.56 14.96 4.60
N THR B 119 24.37 14.31 3.78
CA THR B 119 23.89 13.23 2.91
C THR B 119 24.62 11.93 3.26
N PHE B 120 23.85 10.89 3.60
CA PHE B 120 24.41 9.62 4.13
C PHE B 120 23.80 8.40 3.43
N ILE B 121 24.47 7.26 3.54
CA ILE B 121 23.95 6.05 2.91
C ILE B 121 24.33 4.84 3.81
N ALA B 122 23.45 3.84 3.85
CA ALA B 122 23.72 2.61 4.62
C ALA B 122 23.04 1.44 3.91
N GLY B 123 23.58 0.24 4.07
CA GLY B 123 22.92 -0.91 3.45
C GLY B 123 23.37 -2.20 4.10
N LEU B 124 22.57 -3.24 3.97
CA LEU B 124 22.99 -4.57 4.48
C LEU B 124 23.27 -5.55 3.33
N SER B 125 24.24 -6.45 3.52
CA SER B 125 24.62 -7.49 2.51
C SER B 125 24.89 -6.96 1.06
N GLY B 127 23.26 -4.76 -0.21
CA GLY B 127 23.10 -3.33 0.05
C GLY B 127 24.35 -2.68 0.64
N GLY B 128 25.16 -3.46 1.35
CA GLY B 128 26.44 -2.92 1.86
C GLY B 128 27.40 -2.71 0.69
N TYR B 129 27.41 -3.66 -0.25
CA TYR B 129 28.20 -3.49 -1.48
C TYR B 129 27.71 -2.25 -2.25
N GLY B 130 26.40 -2.19 -2.48
CA GLY B 130 25.79 -1.04 -3.20
C GLY B 130 26.07 0.29 -2.52
N CYS B 131 25.94 0.30 -1.19
CA CYS B 131 26.26 1.47 -0.40
C CYS B 131 27.69 1.98 -0.64
N PHE B 132 28.69 1.11 -0.45
CA PHE B 132 30.08 1.51 -0.67
C PHE B 132 30.33 1.88 -2.13
N LYS B 133 29.73 1.14 -3.07
CA LYS B 133 29.85 1.49 -4.50
C LYS B 133 29.38 2.91 -4.78
N LEU B 134 28.17 3.24 -4.32
CA LEU B 134 27.61 4.60 -4.50
C LEU B 134 28.47 5.66 -3.82
N ALA B 135 28.90 5.38 -2.58
CA ALA B 135 29.76 6.33 -1.88
C ALA B 135 31.09 6.60 -2.62
N LEU B 136 31.74 5.52 -3.07
CA LEU B 136 33.01 5.65 -3.76
C LEU B 136 32.90 6.33 -5.14
N THR B 137 31.80 6.05 -5.84
CA THR B 137 31.69 6.53 -7.24
C THR B 137 31.16 7.98 -7.33
N THR B 138 30.25 8.36 -6.45
CA THR B 138 29.57 9.65 -6.58
C THR B 138 30.28 10.81 -5.88
N ASN B 139 30.99 10.52 -4.79
CA ASN B 139 31.54 11.58 -3.93
C ASN B 139 30.45 12.54 -3.43
N ARG B 140 29.21 12.04 -3.29
CA ARG B 140 28.10 12.89 -2.83
C ARG B 140 27.64 12.60 -1.41
N PHE B 141 28.32 11.66 -0.73
CA PHE B 141 27.96 11.24 0.62
C PHE B 141 29.08 11.56 1.60
N SER B 142 28.71 11.88 2.83
CA SER B 142 29.73 12.16 3.86
C SER B 142 30.01 10.94 4.76
N HIS B 143 28.99 10.09 4.92
CA HIS B 143 29.08 8.87 5.73
C HIS B 143 28.40 7.74 5.01
N ALA B 144 29.00 6.55 5.04
CA ALA B 144 28.47 5.36 4.34
C ALA B 144 28.70 4.14 5.21
N ALA B 145 27.62 3.37 5.46
CA ALA B 145 27.68 2.21 6.36
C ALA B 145 27.28 0.90 5.69
N SER B 146 28.04 -0.14 5.96
CA SER B 146 27.75 -1.48 5.47
C SER B 146 27.52 -2.41 6.67
N PHE B 147 26.42 -3.15 6.64
CA PHE B 147 26.09 -4.14 7.68
C PHE B 147 26.15 -5.52 7.05
N SER B 148 27.14 -6.30 7.46
CA SER B 148 27.41 -7.63 6.88
C SER B 148 27.42 -7.56 5.35
N GLY B 149 28.18 -6.59 4.84
CA GLY B 149 28.17 -6.30 3.40
C GLY B 149 28.86 -7.38 2.59
N ALA B 150 28.38 -7.60 1.37
CA ALA B 150 29.07 -8.47 0.43
C ALA B 150 30.22 -7.68 -0.20
N LEU B 151 31.25 -7.38 0.61
CA LEU B 151 32.23 -6.38 0.19
C LEU B 151 33.37 -6.91 -0.71
N SER B 152 33.45 -8.22 -0.87
CA SER B 152 34.41 -8.81 -1.79
C SER B 152 33.96 -10.20 -2.21
N PHE B 153 34.18 -10.55 -3.48
CA PHE B 153 34.03 -11.94 -3.93
C PHE B 153 35.38 -12.60 -4.21
N GLN B 154 36.45 -12.01 -3.71
CA GLN B 154 37.77 -12.58 -3.96
C GLN B 154 37.95 -13.90 -3.22
N ASN B 155 37.43 -13.95 -1.98
CA ASN B 155 37.61 -15.07 -1.07
C ASN B 155 36.26 -15.60 -0.61
N PHE B 156 35.20 -15.20 -1.29
CA PHE B 156 33.86 -15.70 -1.01
C PHE B 156 33.18 -16.05 -2.32
N SER B 157 32.61 -17.25 -2.35
CA SER B 157 31.91 -17.71 -3.55
C SER B 157 30.44 -17.98 -3.21
N PRO B 158 29.51 -17.37 -3.95
CA PRO B 158 28.09 -17.40 -3.55
C PRO B 158 27.51 -18.81 -3.46
N GLU B 159 28.10 -19.76 -4.20
CA GLU B 159 27.66 -21.17 -4.22
C GLU B 159 27.91 -21.88 -2.89
N SER B 160 28.82 -21.34 -2.09
CA SER B 160 29.10 -21.85 -0.74
C SER B 160 27.87 -21.67 0.16
N GLN B 161 26.99 -20.76 -0.24
CA GLN B 161 25.77 -20.47 0.49
C GLN B 161 24.54 -20.63 -0.39
N ASN B 162 24.72 -21.29 -1.54
CA ASN B 162 23.61 -21.64 -2.43
C ASN B 162 22.80 -20.39 -2.82
N LEU B 163 23.55 -19.32 -3.12
CA LEU B 163 23.02 -17.99 -3.46
C LEU B 163 23.09 -17.77 -4.96
N GLY B 164 21.93 -17.62 -5.58
CA GLY B 164 21.81 -17.44 -7.03
C GLY B 164 22.19 -18.67 -7.83
N SER B 165 22.85 -18.42 -8.96
CA SER B 165 23.12 -19.43 -10.00
C SER B 165 24.11 -18.82 -10.98
N PRO B 166 24.84 -19.66 -11.73
CA PRO B 166 25.82 -19.12 -12.68
C PRO B 166 25.25 -18.06 -13.63
N ALA B 167 24.07 -18.32 -14.21
CA ALA B 167 23.43 -17.37 -15.12
C ALA B 167 23.10 -16.07 -14.41
N TYR B 168 22.62 -16.19 -13.18
CA TYR B 168 22.26 -15.01 -12.40
C TYR B 168 23.49 -14.14 -12.13
N TRP B 169 24.58 -14.77 -11.70
CA TRP B 169 25.77 -14.00 -11.38
C TRP B 169 26.38 -13.36 -12.62
N ARG B 170 26.34 -14.08 -13.74
CA ARG B 170 26.80 -13.56 -15.03
C ARG B 170 25.93 -12.40 -15.49
N GLY B 171 24.63 -12.50 -15.21
CA GLY B 171 23.69 -11.40 -15.50
C GLY B 171 24.10 -10.09 -14.83
N VAL B 172 24.65 -10.18 -13.63
CA VAL B 172 25.05 -8.98 -12.89
C VAL B 172 26.45 -8.49 -13.31
N PHE B 173 27.42 -9.39 -13.29
CA PHE B 173 28.85 -9.06 -13.34
C PHE B 173 29.59 -9.50 -14.60
N GLY B 174 28.92 -10.24 -15.49
CA GLY B 174 29.60 -10.91 -16.60
C GLY B 174 30.47 -12.04 -16.07
N GLU B 175 31.43 -12.47 -16.88
CA GLU B 175 32.41 -13.47 -16.46
C GLU B 175 33.52 -12.76 -15.70
N ILE B 176 33.82 -13.25 -14.50
CA ILE B 176 34.86 -12.66 -13.66
C ILE B 176 36.02 -13.65 -13.45
N ARG B 177 37.20 -13.29 -13.94
CA ARG B 177 38.40 -14.10 -13.76
C ARG B 177 38.99 -13.84 -12.39
N ASP B 178 39.19 -12.57 -12.06
CA ASP B 178 39.72 -12.18 -10.77
C ASP B 178 38.90 -11.00 -10.23
N TRP B 179 38.22 -11.21 -9.10
CA TRP B 179 37.31 -10.19 -8.57
C TRP B 179 37.98 -8.84 -8.29
N THR B 180 39.08 -8.87 -7.54
CA THR B 180 39.64 -7.63 -7.04
C THR B 180 40.13 -6.71 -8.16
N THR B 181 40.69 -7.30 -9.22
CA THR B 181 41.19 -6.52 -10.36
C THR B 181 40.12 -6.22 -11.41
N SER B 182 38.93 -6.79 -11.24
CA SER B 182 37.77 -6.48 -12.10
C SER B 182 37.25 -5.07 -11.83
N PRO B 183 36.55 -4.46 -12.80
CA PRO B 183 35.95 -3.14 -12.57
C PRO B 183 34.84 -3.09 -11.51
N TYR B 184 34.35 -4.26 -11.08
CA TYR B 184 33.25 -4.36 -10.12
C TYR B 184 33.65 -4.34 -8.64
N SER B 185 34.92 -4.59 -8.36
CA SER B 185 35.37 -4.60 -6.97
C SER B 185 35.33 -3.20 -6.36
N LEU B 186 35.11 -3.13 -5.05
CA LEU B 186 35.16 -1.85 -4.35
C LEU B 186 36.55 -1.20 -4.48
N GLU B 187 37.59 -2.04 -4.49
CA GLU B 187 38.97 -1.60 -4.71
C GLU B 187 39.15 -0.86 -6.05
N SER B 188 38.56 -1.39 -7.12
CA SER B 188 38.62 -0.75 -8.43
C SER B 188 37.74 0.50 -8.47
N LEU B 189 36.56 0.40 -7.86
CA LEU B 189 35.60 1.52 -7.84
C LEU B 189 36.12 2.68 -7.00
N ALA B 190 36.98 2.34 -6.02
CA ALA B 190 37.62 3.33 -5.15
C ALA B 190 38.48 4.36 -5.91
N LYS B 191 38.92 4.01 -7.12
CA LYS B 191 39.70 4.92 -7.97
C LYS B 191 38.94 6.19 -8.30
N LYS B 192 37.61 6.12 -8.25
CA LYS B 192 36.76 7.27 -8.54
C LYS B 192 36.53 8.18 -7.33
N SER B 193 37.02 7.76 -6.17
CA SER B 193 36.73 8.41 -4.92
C SER B 193 37.78 9.42 -4.51
N ASP B 194 37.31 10.54 -3.97
CA ASP B 194 38.21 11.54 -3.41
C ASP B 194 38.68 11.19 -1.99
N LYS B 195 38.25 10.02 -1.49
CA LYS B 195 38.64 9.54 -0.14
C LYS B 195 38.03 10.35 1.02
N LYS B 196 37.15 11.29 0.70
CA LYS B 196 36.56 12.19 1.69
C LYS B 196 35.21 11.71 2.22
N THR B 197 34.91 10.42 2.06
CA THR B 197 33.72 9.83 2.66
C THR B 197 34.16 8.97 3.84
N LYS B 198 33.52 9.15 5.00
CA LYS B 198 33.77 8.25 6.13
C LYS B 198 33.07 6.92 5.86
N LEU B 199 33.85 5.84 5.81
CA LEU B 199 33.30 4.51 5.59
C LEU B 199 33.15 3.77 6.92
N TRP B 200 32.02 3.13 7.11
CA TRP B 200 31.69 2.50 8.39
C TRP B 200 31.22 1.10 8.07
N ALA B 201 31.76 0.10 8.75
CA ALA B 201 31.31 -1.28 8.48
C ALA B 201 31.19 -2.11 9.74
N TRP B 202 30.19 -2.98 9.77
CA TRP B 202 30.14 -4.05 10.79
C TRP B 202 29.93 -5.40 10.13
N CYS B 203 30.49 -6.44 10.72
CA CYS B 203 30.16 -7.81 10.33
C CYS B 203 30.20 -8.71 11.55
N GLY B 204 29.26 -9.65 11.63
CA GLY B 204 29.27 -10.65 12.70
C GLY B 204 30.39 -11.64 12.53
N GLU B 205 31.01 -12.02 13.63
CA GLU B 205 32.12 -12.96 13.60
C GLU B 205 31.73 -14.38 13.14
N GLN B 206 30.43 -14.70 13.21
CA GLN B 206 29.90 -15.98 12.72
C GLN B 206 29.15 -15.85 11.38
N ASP B 207 29.33 -14.71 10.72
CA ASP B 207 28.75 -14.47 9.40
C ASP B 207 29.62 -15.11 8.32
N PHE B 208 28.97 -15.68 7.31
CA PHE B 208 29.70 -16.28 6.20
C PHE B 208 30.55 -15.25 5.44
N LEU B 209 30.16 -13.98 5.56
CA LEU B 209 30.85 -12.87 4.89
C LEU B 209 31.94 -12.22 5.76
N TYR B 210 32.22 -12.79 6.93
CA TYR B 210 33.23 -12.20 7.82
C TYR B 210 34.60 -12.03 7.14
N GLU B 211 35.08 -13.08 6.48
CA GLU B 211 36.38 -12.98 5.82
C GLU B 211 36.42 -12.03 4.61
N ALA B 212 35.33 -11.98 3.84
CA ALA B 212 35.14 -10.99 2.79
C ALA B 212 35.21 -9.57 3.35
N ASN B 213 34.54 -9.34 4.48
CA ASN B 213 34.66 -8.03 5.14
C ASN B 213 36.09 -7.73 5.59
N ASN B 214 36.75 -8.71 6.21
CA ASN B 214 38.12 -8.49 6.68
C ASN B 214 39.04 -8.06 5.55
N LEU B 215 38.94 -8.78 4.42
CA LEU B 215 39.75 -8.51 3.23
C LEU B 215 39.44 -7.12 2.64
N ALA B 216 38.17 -6.84 2.38
CA ALA B 216 37.79 -5.55 1.78
C ALA B 216 38.22 -4.36 2.65
N VAL B 217 37.99 -4.47 3.96
CA VAL B 217 38.38 -3.43 4.93
C VAL B 217 39.91 -3.21 4.88
N LYS B 218 40.68 -4.30 4.96
CA LYS B 218 42.13 -4.16 4.84
C LYS B 218 42.56 -3.51 3.54
N ASN B 219 41.94 -3.90 2.43
CA ASN B 219 42.32 -3.34 1.15
C ASN B 219 41.98 -1.85 1.05
N LEU B 220 40.78 -1.47 1.51
CA LEU B 220 40.37 -0.06 1.46
C LEU B 220 41.25 0.80 2.38
N LYS B 221 41.58 0.28 3.55
CA LYS B 221 42.48 1.01 4.45
C LYS B 221 43.87 1.20 3.80
N LYS B 222 44.38 0.15 3.17
CA LYS B 222 45.68 0.20 2.48
C LYS B 222 45.72 1.21 1.33
N LEU B 223 44.56 1.41 0.71
CA LEU B 223 44.36 2.42 -0.32
C LEU B 223 44.22 3.84 0.24
N GLY B 224 44.18 3.99 1.57
CA GLY B 224 44.17 5.30 2.23
C GLY B 224 42.78 5.84 2.57
N PHE B 225 41.80 4.94 2.58
CA PHE B 225 40.44 5.28 3.00
C PHE B 225 40.25 5.33 4.50
N ASP B 226 39.30 6.16 4.92
CA ASP B 226 38.94 6.29 6.34
C ASP B 226 37.84 5.29 6.59
N VAL B 227 38.18 4.17 7.24
CA VAL B 227 37.22 3.08 7.46
C VAL B 227 37.16 2.77 8.95
N THR B 228 35.95 2.72 9.48
CA THR B 228 35.74 2.31 10.87
C THR B 228 35.04 0.96 10.82
N TYR B 229 35.77 -0.08 11.16
CA TYR B 229 35.27 -1.44 11.05
C TYR B 229 35.13 -2.05 12.43
N SER B 230 33.95 -2.58 12.71
CA SER B 230 33.67 -3.26 13.97
C SER B 230 33.13 -4.65 13.70
N HIS B 231 33.34 -5.55 14.65
CA HIS B 231 32.81 -6.91 14.54
C HIS B 231 32.60 -7.46 15.95
N SER B 232 31.63 -8.35 16.07
CA SER B 232 31.27 -8.95 17.34
C SER B 232 30.50 -10.22 17.06
N ALA B 233 30.10 -10.93 18.12
CA ALA B 233 29.24 -12.09 17.97
C ALA B 233 28.05 -11.75 17.08
N GLY B 234 27.72 -12.63 16.15
CA GLY B 234 26.56 -12.41 15.28
C GLY B 234 26.59 -13.18 13.98
N THR B 235 25.41 -13.38 13.43
CA THR B 235 25.24 -14.11 12.18
C THR B 235 24.55 -13.18 11.17
N HIS B 236 24.15 -13.75 10.05
CA HIS B 236 23.63 -12.98 8.92
C HIS B 236 22.12 -12.82 9.08
N GLU B 237 21.74 -11.96 10.02
CA GLU B 237 20.34 -11.81 10.43
C GLU B 237 19.96 -10.37 10.73
N TRP B 238 18.70 -10.06 10.43
CA TRP B 238 18.13 -8.72 10.63
C TRP B 238 18.27 -8.13 12.03
N TYR B 239 18.19 -8.98 13.05
CA TYR B 239 18.37 -8.51 14.42
C TYR B 239 19.65 -7.68 14.54
N TYR B 240 20.74 -8.18 13.96
CA TYR B 240 22.03 -7.50 14.07
C TYR B 240 22.13 -6.25 13.22
N TRP B 241 21.57 -6.32 12.01
CA TRP B 241 21.63 -5.16 11.12
C TRP B 241 20.86 -3.98 11.69
N GLU B 242 19.74 -4.27 12.36
CA GLU B 242 18.97 -3.22 13.03
C GLU B 242 19.78 -2.61 14.17
N LYS B 243 20.39 -3.46 14.99
CA LYS B 243 21.26 -2.96 16.06
C LYS B 243 22.41 -2.10 15.54
N GLN B 244 22.99 -2.49 14.41
CA GLN B 244 24.14 -1.76 13.87
C GLN B 244 23.72 -0.46 13.17
N LEU B 245 22.51 -0.43 12.60
CA LEU B 245 21.97 0.84 12.13
C LEU B 245 21.87 1.84 13.27
N GLU B 246 21.38 1.38 14.42
CA GLU B 246 21.31 2.19 15.65
C GLU B 246 22.66 2.80 16.00
N VAL B 247 23.72 1.99 15.96
CA VAL B 247 25.09 2.47 16.25
C VAL B 247 25.52 3.49 15.20
N PHE B 248 25.33 3.15 13.93
CA PHE B 248 25.69 4.07 12.85
C PHE B 248 25.00 5.44 12.99
N LEU B 249 23.72 5.44 13.36
CA LEU B 249 22.97 6.70 13.50
C LEU B 249 23.61 7.63 14.53
N THR B 250 24.22 7.03 15.56
CA THR B 250 24.95 7.80 16.58
C THR B 250 26.24 8.50 16.08
N THR B 251 26.73 8.10 14.92
CA THR B 251 27.95 8.69 14.32
C THR B 251 27.63 9.86 13.40
N LEU B 252 26.34 10.05 13.10
CA LEU B 252 25.91 11.08 12.15
C LEU B 252 25.65 12.43 12.81
N PRO B 253 25.88 13.53 12.08
CA PRO B 253 25.60 14.87 12.64
C PRO B 253 24.09 15.19 12.68
N ILE B 254 23.31 14.41 13.43
CA ILE B 254 21.85 14.55 13.42
C ILE B 254 21.19 14.59 14.80
N ASP B 255 22.00 14.57 15.84
CA ASP B 255 21.51 14.54 17.23
C ASP B 255 20.44 13.46 17.42
N PHE B 256 20.87 12.21 17.27
CA PHE B 256 20.01 11.05 17.43
C PHE B 256 20.09 10.55 18.88
N LYS B 257 18.93 10.22 19.45
CA LYS B 257 18.88 9.62 20.78
C LYS B 257 18.02 8.36 20.76
N LEU B 258 18.58 7.26 21.26
CA LEU B 258 17.91 5.95 21.27
C LEU B 258 16.74 5.94 22.25
N GLU B 259 15.75 5.11 21.98
CA GLU B 259 14.58 4.98 22.83
C GLU B 259 14.98 4.41 24.18
N GLU B 260 14.19 4.69 25.21
CA GLU B 260 14.41 4.15 26.55
C GLU B 260 14.14 2.65 26.56
N ARG B 261 15.00 1.90 27.26
CA ARG B 261 14.93 0.44 27.28
C ARG B 261 15.33 -0.09 28.64
N LEU B 262 14.39 -0.03 29.59
CA LEU B 262 14.64 -0.38 30.99
C LEU B 262 14.58 -1.88 31.24
N GLY C 1 3.78 5.78 -16.93
CA GLY C 1 4.63 6.02 -18.12
C GLY C 1 5.17 7.43 -18.05
N ALA C 2 5.88 7.81 -19.12
CA ALA C 2 6.29 9.18 -19.27
C ALA C 2 5.02 10.03 -19.24
N ASP C 4 2.85 10.58 -16.89
CA ASP C 4 1.83 10.23 -15.92
C ASP C 4 2.22 10.76 -14.53
N PRO C 5 1.23 11.13 -13.70
CA PRO C 5 1.56 11.65 -12.36
C PRO C 5 2.20 10.59 -11.48
N ALA C 6 3.13 11.02 -10.64
CA ALA C 6 3.62 10.14 -9.57
C ALA C 6 2.48 10.00 -8.56
N VAL C 7 2.44 8.90 -7.85
CA VAL C 7 1.43 8.74 -6.81
C VAL C 7 2.12 8.56 -5.46
N LYS C 9 1.29 7.69 -1.56
CA LYS C 9 0.32 7.25 -0.58
C LYS C 9 0.93 7.62 0.78
N ILE C 10 0.30 8.57 1.46
CA ILE C 10 0.91 9.23 2.62
C ILE C 10 0.25 8.81 3.94
N GLU C 11 1.09 8.35 4.88
CA GLU C 11 0.65 8.09 6.26
C GLU C 11 1.25 9.22 7.08
N TYR C 12 0.38 9.99 7.74
CA TYR C 12 0.89 11.09 8.57
C TYR C 12 0.08 11.16 9.83
N TYR C 13 0.65 11.79 10.85
CA TYR C 13 -0.07 11.94 12.08
C TYR C 13 -0.89 13.23 12.07
N SER C 14 -2.18 13.11 12.34
CA SER C 14 -3.04 14.27 12.52
C SER C 14 -3.10 14.66 13.99
N GLN C 15 -2.41 15.73 14.35
CA GLN C 15 -2.54 16.25 15.71
C GLN C 15 -3.98 16.67 16.01
N VAL C 16 -4.65 17.28 15.03
CA VAL C 16 -6.05 17.74 15.22
C VAL C 16 -6.98 16.57 15.60
N LEU C 17 -6.83 15.44 14.92
CA LEU C 17 -7.66 14.24 15.17
C LEU C 17 -7.08 13.30 16.21
N ASP C 18 -5.85 13.59 16.65
CA ASP C 18 -5.04 12.65 17.43
C ASP C 18 -5.11 11.25 16.84
N GLU C 20 -3.20 8.63 13.60
CA GLU C 20 -2.44 8.32 12.42
C GLU C 20 -3.48 8.31 11.28
N TRP C 21 -3.18 9.08 10.25
CA TRP C 21 -4.17 9.39 9.23
C TRP C 21 -3.54 9.24 7.86
N GLY C 22 -4.33 9.46 6.81
CA GLY C 22 -3.82 9.22 5.47
C GLY C 22 -4.35 10.21 4.46
N VAL C 23 -3.54 10.42 3.43
CA VAL C 23 -3.95 11.17 2.26
C VAL C 23 -3.21 10.59 1.05
N ASN C 24 -3.84 10.70 -0.13
CA ASN C 24 -3.12 10.42 -1.38
C ASN C 24 -2.83 11.67 -2.16
N VAL C 25 -1.70 11.66 -2.86
CA VAL C 25 -1.34 12.80 -3.71
C VAL C 25 -0.92 12.33 -5.11
N LEU C 26 -1.43 12.98 -6.15
CA LEU C 26 -0.87 12.83 -7.49
C LEU C 26 0.00 14.06 -7.73
N TYR C 27 1.25 13.81 -8.09
CA TYR C 27 2.23 14.88 -8.28
C TYR C 27 2.71 14.87 -9.72
N PRO C 28 2.57 16.02 -10.42
CA PRO C 28 2.93 16.05 -11.84
C PRO C 28 4.43 15.80 -12.01
N ASP C 29 4.77 15.02 -13.04
CA ASP C 29 6.12 14.50 -13.25
C ASP C 29 6.52 14.65 -14.70
N GLU C 39 8.18 26.60 -8.17
CA GLU C 39 7.49 26.52 -9.45
C GLU C 39 5.95 26.61 -9.36
N ASP C 40 5.46 26.89 -8.15
CA ASP C 40 4.12 27.41 -7.93
C ASP C 40 3.03 26.54 -8.62
N ILE C 41 3.02 25.25 -8.29
CA ILE C 41 2.17 24.28 -9.01
C ILE C 41 0.74 24.32 -8.49
N PRO C 42 -0.26 24.45 -9.40
CA PRO C 42 -1.65 24.48 -8.94
C PRO C 42 -2.03 23.22 -8.18
N VAL C 43 -3.01 23.35 -7.28
CA VAL C 43 -3.48 22.21 -6.49
C VAL C 43 -4.99 22.07 -6.52
N LEU C 44 -5.44 20.84 -6.71
CA LEU C 44 -6.85 20.47 -6.59
C LEU C 44 -7.04 19.55 -5.38
N TYR C 45 -7.87 19.96 -4.43
CA TYR C 45 -8.34 19.03 -3.37
C TYR C 45 -9.55 18.28 -3.91
N LEU C 46 -9.49 16.96 -3.84
CA LEU C 46 -10.51 16.11 -4.43
C LEU C 46 -11.14 15.23 -3.35
N LEU C 47 -12.40 15.52 -3.04
CA LEU C 47 -13.06 14.98 -1.86
C LEU C 47 -13.99 13.80 -2.16
N HIS C 48 -13.88 12.78 -1.31
CA HIS C 48 -14.69 11.58 -1.41
C HIS C 48 -16.12 11.77 -0.85
N GLY C 49 -16.98 10.78 -1.10
CA GLY C 49 -18.35 10.77 -0.55
C GLY C 49 -18.53 9.79 0.61
N SER C 51 -19.15 6.65 2.83
CA SER C 51 -18.61 5.28 2.73
C SER C 51 -17.23 5.22 2.10
N GLY C 52 -16.76 6.36 1.61
CA GLY C 52 -15.46 6.43 0.96
C GLY C 52 -14.37 6.93 1.87
N ASN C 53 -13.19 7.12 1.29
CA ASN C 53 -12.04 7.67 2.02
C ASN C 53 -11.04 8.25 1.01
N HIS C 54 -9.81 8.51 1.43
CA HIS C 54 -8.79 9.08 0.55
C HIS C 54 -8.47 8.22 -0.69
N ASN C 55 -8.78 6.93 -0.62
CA ASN C 55 -8.54 6.03 -1.74
C ASN C 55 -9.66 6.06 -2.78
N SER C 56 -10.79 6.66 -2.45
CA SER C 56 -11.99 6.59 -3.31
C SER C 56 -11.78 6.96 -4.76
N TRP C 57 -11.26 8.15 -5.03
CA TRP C 57 -11.08 8.59 -6.43
C TRP C 57 -10.09 7.71 -7.21
N LEU C 58 -9.06 7.22 -6.52
CA LEU C 58 -8.14 6.26 -7.13
C LEU C 58 -8.83 4.91 -7.42
N LYS C 59 -9.67 4.43 -6.51
CA LYS C 59 -10.32 3.12 -6.68
C LYS C 59 -11.45 3.14 -7.72
N ARG C 60 -12.08 4.30 -7.88
CA ARG C 60 -13.39 4.38 -8.56
C ARG C 60 -13.38 5.13 -9.89
N THR C 61 -12.24 5.70 -10.27
CA THR C 61 -12.14 6.46 -11.51
C THR C 61 -10.79 6.27 -12.16
N ASN C 62 -10.70 6.76 -13.39
CA ASN C 62 -9.44 6.88 -14.12
C ASN C 62 -8.77 8.25 -13.93
N VAL C 63 -8.92 8.82 -12.74
CA VAL C 63 -8.24 10.10 -12.43
C VAL C 63 -6.74 10.09 -12.77
N GLU C 64 -6.02 8.99 -12.48
CA GLU C 64 -4.59 8.94 -12.84
C GLU C 64 -4.36 9.17 -14.34
N ARG C 65 -5.11 8.43 -15.17
CA ARG C 65 -5.02 8.53 -16.63
C ARG C 65 -5.43 9.93 -17.12
N LEU C 66 -6.49 10.46 -16.53
CA LEU C 66 -7.00 11.80 -16.81
C LEU C 66 -5.93 12.90 -16.66
N LEU C 67 -5.06 12.75 -15.66
CA LEU C 67 -4.06 13.76 -15.29
C LEU C 67 -2.74 13.64 -16.07
N ARG C 68 -2.67 12.74 -17.04
CA ARG C 68 -1.45 12.62 -17.87
C ARG C 68 -1.06 13.98 -18.47
N GLY C 69 0.20 14.39 -18.23
CA GLY C 69 0.73 15.66 -18.76
C GLY C 69 0.13 16.94 -18.21
N THR C 70 -0.64 16.84 -17.13
CA THR C 70 -1.31 18.00 -16.56
C THR C 70 -0.51 18.54 -15.38
N ASN C 71 -0.19 19.83 -15.41
CA ASN C 71 0.55 20.43 -14.31
C ASN C 71 -0.40 20.81 -13.17
N LEU C 72 -0.76 19.80 -12.38
CA LEU C 72 -1.71 19.98 -11.29
C LEU C 72 -1.40 18.91 -10.24
N ILE C 73 -1.22 19.34 -8.99
CA ILE C 73 -1.14 18.40 -7.87
C ILE C 73 -2.58 18.09 -7.43
N VAL C 74 -2.88 16.81 -7.20
CA VAL C 74 -4.20 16.45 -6.70
C VAL C 74 -4.05 15.85 -5.31
N VAL C 75 -4.78 16.42 -4.36
CA VAL C 75 -4.75 15.96 -2.98
C VAL C 75 -6.10 15.31 -2.63
N PRO C 77 -7.99 13.91 0.53
CA PRO C 77 -8.05 13.74 1.97
C PRO C 77 -9.04 12.66 2.39
N ASN C 78 -9.09 12.39 3.69
CA ASN C 78 -10.06 11.43 4.26
C ASN C 78 -10.83 12.12 5.39
N THR C 79 -12.16 12.15 5.27
CA THR C 79 -13.02 12.57 6.38
C THR C 79 -13.83 11.44 7.06
N SER C 80 -13.66 10.19 6.60
CA SER C 80 -14.21 8.98 7.27
C SER C 80 -15.65 9.10 7.83
N ASN C 81 -16.59 9.38 6.93
CA ASN C 81 -18.02 9.52 7.28
C ASN C 81 -18.34 10.67 8.25
N GLY C 82 -17.41 11.62 8.35
CA GLY C 82 -17.56 12.77 9.25
C GLY C 82 -18.02 14.07 8.60
N TRP C 83 -18.39 14.02 7.32
CA TRP C 83 -19.05 15.15 6.65
C TRP C 83 -18.22 16.44 6.60
N TYR C 84 -16.89 16.29 6.71
CA TYR C 84 -15.99 17.45 6.62
C TYR C 84 -16.36 18.49 7.67
N THR C 85 -16.78 17.98 8.83
CA THR C 85 -17.38 18.80 9.87
C THR C 85 -16.69 18.51 11.20
N ASP C 86 -16.51 19.54 12.02
CA ASP C 86 -16.07 19.32 13.40
C ASP C 86 -17.30 18.79 14.13
N THR C 87 -17.26 17.50 14.45
CA THR C 87 -18.46 16.76 14.83
C THR C 87 -18.84 16.98 16.29
N GLN C 88 -20.02 16.48 16.65
CA GLN C 88 -20.53 16.56 18.02
C GLN C 88 -19.85 15.55 18.95
N TYR C 89 -19.05 14.66 18.36
CA TYR C 89 -18.41 13.60 19.13
C TYR C 89 -16.88 13.72 19.22
N GLY C 90 -16.39 14.93 18.99
CA GLY C 90 -15.00 15.25 19.31
C GLY C 90 -13.97 15.07 18.22
N PHE C 91 -14.44 14.76 17.00
CA PHE C 91 -13.54 14.57 15.86
C PHE C 91 -13.61 15.83 15.01
N ASP C 92 -12.53 16.61 14.99
CA ASP C 92 -12.54 17.88 14.28
C ASP C 92 -12.12 17.75 12.80
N TYR C 93 -12.99 17.09 12.02
CA TYR C 93 -12.68 16.82 10.62
C TYR C 93 -12.53 18.09 9.77
N TYR C 94 -13.37 19.09 10.03
CA TYR C 94 -13.25 20.34 9.26
C TYR C 94 -11.87 20.98 9.49
N THR C 95 -11.52 21.15 10.75
CA THR C 95 -10.22 21.76 11.09
C THR C 95 -9.06 20.91 10.56
N ALA C 96 -9.18 19.58 10.67
CA ALA C 96 -8.13 18.67 10.20
C ALA C 96 -7.89 18.82 8.71
N LEU C 97 -8.96 19.04 7.95
CA LEU C 97 -8.84 19.06 6.49
C LEU C 97 -8.72 20.48 5.90
N ALA C 98 -9.38 21.46 6.52
CA ALA C 98 -9.31 22.86 6.07
C ALA C 98 -8.04 23.59 6.51
N GLU C 99 -7.49 23.21 7.65
CA GLU C 99 -6.36 23.90 8.25
C GLU C 99 -5.09 23.05 8.30
N GLU C 100 -5.20 21.87 8.91
CA GLU C 100 -4.02 21.07 9.20
C GLU C 100 -3.43 20.47 7.93
N LEU C 101 -4.24 19.80 7.14
CA LEU C 101 -3.70 19.08 5.98
C LEU C 101 -2.91 20.00 5.03
N PRO C 102 -3.46 21.16 4.65
CA PRO C 102 -2.69 22.08 3.81
C PRO C 102 -1.34 22.51 4.40
N GLN C 103 -1.27 22.68 5.71
CA GLN C 103 -0.01 23.03 6.40
C GLN C 103 0.97 21.86 6.34
N VAL C 104 0.44 20.65 6.52
CA VAL C 104 1.25 19.45 6.48
C VAL C 104 1.85 19.27 5.08
N LEU C 105 1.00 19.37 4.06
CA LEU C 105 1.46 19.18 2.68
C LEU C 105 2.41 20.27 2.20
N LYS C 106 2.16 21.52 2.61
CA LYS C 106 3.03 22.65 2.28
C LYS C 106 4.46 22.41 2.78
N ARG C 107 4.56 21.77 3.95
CA ARG C 107 5.86 21.43 4.51
C ARG C 107 6.60 20.38 3.66
N PHE C 108 5.90 19.31 3.27
CA PHE C 108 6.48 18.29 2.38
C PHE C 108 6.80 18.88 1.00
N PHE C 109 5.87 19.68 0.48
CA PHE C 109 5.88 20.09 -0.92
C PHE C 109 5.89 21.61 -1.10
N PRO C 110 7.04 22.27 -0.81
CA PRO C 110 7.10 23.72 -0.95
C PRO C 110 6.83 24.26 -2.37
N ASN C 111 6.93 23.40 -3.39
CA ASN C 111 6.63 23.80 -4.77
C ASN C 111 5.14 23.91 -5.09
N THR C 113 1.55 25.50 -4.92
CA THR C 113 1.10 26.90 -4.82
C THR C 113 0.55 27.25 -3.44
N SER C 114 0.72 28.52 -3.06
CA SER C 114 0.02 29.07 -1.91
C SER C 114 -0.92 30.21 -2.37
N LYS C 115 -1.21 30.25 -3.67
CA LYS C 115 -2.07 31.27 -4.26
C LYS C 115 -3.51 30.79 -4.42
N ARG C 116 -4.46 31.63 -4.01
CA ARG C 116 -5.87 31.31 -4.18
C ARG C 116 -6.24 31.04 -5.64
N GLU C 117 -5.67 31.82 -6.56
CA GLU C 117 -6.02 31.70 -7.99
C GLU C 117 -5.55 30.37 -8.61
N LYS C 118 -4.71 29.63 -7.89
CA LYS C 118 -4.21 28.32 -8.32
C LYS C 118 -4.62 27.17 -7.39
N THR C 119 -5.58 27.43 -6.52
CA THR C 119 -6.07 26.47 -5.53
C THR C 119 -7.55 26.18 -5.76
N PHE C 120 -7.86 24.89 -5.96
CA PHE C 120 -9.18 24.47 -6.39
C PHE C 120 -9.65 23.29 -5.55
N ILE C 121 -10.94 23.00 -5.61
CA ILE C 121 -11.51 21.94 -4.79
C ILE C 121 -12.71 21.35 -5.52
N ALA C 122 -12.93 20.05 -5.33
CA ALA C 122 -14.06 19.36 -5.96
C ALA C 122 -14.43 18.16 -5.11
N GLY C 123 -15.69 17.75 -5.16
CA GLY C 123 -16.11 16.57 -4.41
C GLY C 123 -17.42 16.03 -4.94
N LEU C 124 -17.66 14.74 -4.70
CA LEU C 124 -18.95 14.11 -5.05
C LEU C 124 -19.78 13.83 -3.79
N SER C 125 -21.11 13.96 -3.93
CA SER C 125 -22.09 13.69 -2.84
C SER C 125 -21.77 14.41 -1.51
N GLY C 127 -18.96 14.77 -0.41
CA GLY C 127 -17.83 15.60 -0.82
C GLY C 127 -18.21 16.88 -1.55
N GLY C 128 -19.38 16.88 -2.19
CA GLY C 128 -19.90 18.10 -2.81
C GLY C 128 -20.28 19.10 -1.74
N TYR C 129 -20.97 18.62 -0.70
CA TYR C 129 -21.24 19.43 0.49
C TYR C 129 -19.95 19.95 1.09
N GLY C 130 -19.02 19.04 1.38
CA GLY C 130 -17.73 19.42 2.00
C GLY C 130 -16.94 20.40 1.15
N CYS C 131 -16.97 20.20 -0.16
CA CYS C 131 -16.32 21.11 -1.10
C CYS C 131 -16.86 22.54 -0.98
N PHE C 132 -18.18 22.67 -1.09
CA PHE C 132 -18.80 23.99 -1.03
C PHE C 132 -18.63 24.61 0.36
N LYS C 133 -18.66 23.78 1.40
CA LYS C 133 -18.41 24.26 2.76
C LYS C 133 -17.00 24.85 2.89
N LEU C 134 -15.98 24.10 2.49
CA LEU C 134 -14.62 24.62 2.54
C LEU C 134 -14.44 25.87 1.68
N ALA C 135 -15.02 25.88 0.49
CA ALA C 135 -14.91 27.03 -0.41
C ALA C 135 -15.52 28.28 0.23
N LEU C 136 -16.70 28.12 0.82
CA LEU C 136 -17.42 29.25 1.41
C LEU C 136 -16.73 29.79 2.67
N THR C 137 -16.18 28.89 3.47
CA THR C 137 -15.66 29.26 4.79
C THR C 137 -14.20 29.77 4.78
N THR C 138 -13.36 29.16 3.96
CA THR C 138 -11.93 29.48 3.95
C THR C 138 -11.53 30.71 3.13
N ASN C 139 -12.26 30.96 2.04
CA ASN C 139 -11.87 31.96 1.03
C ASN C 139 -10.46 31.72 0.49
N ARG C 140 -10.06 30.46 0.46
CA ARG C 140 -8.72 30.07 0.01
C ARG C 140 -8.73 29.37 -1.35
N PHE C 141 -9.91 29.21 -1.94
CA PHE C 141 -10.05 28.55 -3.24
C PHE C 141 -10.60 29.51 -4.28
N SER C 142 -10.23 29.31 -5.54
CA SER C 142 -10.78 30.16 -6.62
C SER C 142 -11.91 29.47 -7.38
N HIS C 143 -11.88 28.14 -7.41
CA HIS C 143 -12.88 27.34 -8.12
C HIS C 143 -13.25 26.15 -7.24
N ALA C 144 -14.53 25.83 -7.16
CA ALA C 144 -15.04 24.74 -6.32
C ALA C 144 -16.15 24.00 -7.06
N ALA C 145 -16.06 22.67 -7.12
CA ALA C 145 -17.03 21.86 -7.89
C ALA C 145 -17.73 20.79 -7.07
N SER C 146 -19.03 20.65 -7.30
CA SER C 146 -19.83 19.61 -6.67
C SER C 146 -20.40 18.67 -7.74
N PHE C 147 -20.22 17.37 -7.54
CA PHE C 147 -20.84 16.37 -8.44
C PHE C 147 -21.88 15.60 -7.65
N SER C 148 -23.15 15.77 -8.03
CA SER C 148 -24.28 15.16 -7.32
C SER C 148 -24.16 15.40 -5.82
N GLY C 149 -23.87 16.65 -5.45
CA GLY C 149 -23.59 17.01 -4.08
C GLY C 149 -24.79 16.91 -3.17
N ALA C 150 -24.55 16.60 -1.90
CA ALA C 150 -25.60 16.66 -0.89
C ALA C 150 -25.69 18.10 -0.39
N LEU C 151 -26.22 18.97 -1.26
CA LEU C 151 -26.08 20.42 -1.08
C LEU C 151 -27.14 21.02 -0.16
N SER C 152 -28.16 20.23 0.16
CA SER C 152 -29.21 20.65 1.10
C SER C 152 -29.91 19.45 1.69
N PHE C 153 -30.31 19.58 2.96
CA PHE C 153 -31.17 18.60 3.61
C PHE C 153 -32.55 19.18 3.89
N GLN C 154 -32.85 20.35 3.31
CA GLN C 154 -34.16 20.96 3.49
C GLN C 154 -35.26 20.08 2.88
N ASN C 155 -34.98 19.57 1.69
CA ASN C 155 -35.95 18.80 0.91
C ASN C 155 -35.49 17.37 0.59
N PHE C 156 -34.46 16.91 1.30
CA PHE C 156 -34.00 15.54 1.17
C PHE C 156 -33.73 14.94 2.55
N SER C 157 -34.33 13.77 2.80
CA SER C 157 -34.06 13.01 4.02
C SER C 157 -33.26 11.76 3.68
N PRO C 158 -32.09 11.61 4.31
CA PRO C 158 -31.21 10.45 4.10
C PRO C 158 -31.91 9.10 4.30
N GLU C 159 -32.89 9.08 5.20
CA GLU C 159 -33.72 7.88 5.46
C GLU C 159 -34.35 7.28 4.20
N SER C 160 -34.71 8.15 3.24
CA SER C 160 -35.33 7.71 1.98
C SER C 160 -34.40 6.81 1.14
N GLN C 161 -33.10 6.90 1.41
CA GLN C 161 -32.10 6.09 0.70
C GLN C 161 -31.39 5.13 1.66
N ASN C 162 -31.96 4.96 2.85
CA ASN C 162 -31.40 4.09 3.89
C ASN C 162 -30.00 4.50 4.34
N LEU C 163 -29.76 5.82 4.36
CA LEU C 163 -28.45 6.38 4.67
C LEU C 163 -28.34 6.80 6.12
N GLY C 164 -27.32 6.31 6.80
CA GLY C 164 -27.08 6.64 8.20
C GLY C 164 -28.15 6.14 9.14
N SER C 165 -28.27 6.83 10.28
CA SER C 165 -29.25 6.54 11.34
C SER C 165 -29.46 7.84 12.11
N PRO C 166 -30.53 7.94 12.91
CA PRO C 166 -30.71 9.15 13.72
C PRO C 166 -29.48 9.50 14.58
N ALA C 167 -28.92 8.50 15.28
CA ALA C 167 -27.71 8.73 16.09
C ALA C 167 -26.54 9.20 15.24
N TYR C 168 -26.42 8.64 14.04
CA TYR C 168 -25.35 9.04 13.13
C TYR C 168 -25.50 10.51 12.71
N TRP C 169 -26.70 10.89 12.28
CA TRP C 169 -26.89 12.27 11.82
C TRP C 169 -26.75 13.29 12.95
N ARG C 170 -27.23 12.94 14.15
CA ARG C 170 -27.03 13.76 15.35
C ARG C 170 -25.55 13.92 15.67
N GLY C 171 -24.77 12.86 15.46
CA GLY C 171 -23.32 12.91 15.69
C GLY C 171 -22.63 13.96 14.83
N VAL C 172 -23.12 14.14 13.60
CA VAL C 172 -22.56 15.10 12.67
C VAL C 172 -23.10 16.51 12.91
N PHE C 173 -24.43 16.65 12.91
CA PHE C 173 -25.10 17.96 12.84
C PHE C 173 -25.85 18.38 14.10
N GLY C 174 -25.86 17.52 15.12
CA GLY C 174 -26.74 17.72 16.28
C GLY C 174 -28.21 17.60 15.90
N GLU C 175 -29.09 18.22 16.68
CA GLU C 175 -30.51 18.23 16.34
C GLU C 175 -30.82 19.40 15.40
N ILE C 176 -31.54 19.09 14.32
CA ILE C 176 -31.81 20.08 13.27
C ILE C 176 -33.32 20.31 13.13
N ARG C 177 -33.78 21.49 13.52
CA ARG C 177 -35.19 21.85 13.37
C ARG C 177 -35.51 22.23 11.92
N ASP C 178 -34.72 23.14 11.36
CA ASP C 178 -34.86 23.58 9.99
C ASP C 178 -33.45 23.61 9.42
N TRP C 179 -33.22 22.86 8.35
CA TRP C 179 -31.87 22.76 7.78
C TRP C 179 -31.31 24.10 7.33
N THR C 180 -32.06 24.80 6.49
CA THR C 180 -31.55 26.01 5.81
C THR C 180 -31.14 27.11 6.79
N THR C 181 -31.89 27.28 7.86
CA THR C 181 -31.59 28.28 8.87
C THR C 181 -30.56 27.82 9.91
N SER C 182 -30.20 26.53 9.87
CA SER C 182 -29.16 25.99 10.75
C SER C 182 -27.79 26.52 10.31
N PRO C 183 -26.82 26.58 11.23
CA PRO C 183 -25.49 27.04 10.82
C PRO C 183 -24.77 26.06 9.88
N TYR C 184 -25.38 24.90 9.64
CA TYR C 184 -24.75 23.83 8.85
C TYR C 184 -25.09 23.92 7.37
N SER C 185 -26.09 24.73 7.03
CA SER C 185 -26.49 24.84 5.63
C SER C 185 -25.44 25.62 4.85
N LEU C 186 -25.35 25.35 3.55
CA LEU C 186 -24.47 26.15 2.69
C LEU C 186 -24.91 27.61 2.63
N GLU C 187 -26.22 27.83 2.73
CA GLU C 187 -26.80 29.16 2.77
C GLU C 187 -26.27 29.94 3.99
N SER C 188 -26.24 29.30 5.15
CA SER C 188 -25.71 29.92 6.38
C SER C 188 -24.19 30.05 6.35
N LEU C 189 -23.53 29.02 5.82
CA LEU C 189 -22.06 29.04 5.69
C LEU C 189 -21.61 30.12 4.71
N ALA C 190 -22.47 30.44 3.74
CA ALA C 190 -22.18 31.44 2.71
C ALA C 190 -21.93 32.84 3.28
N LYS C 191 -22.45 33.09 4.49
CA LYS C 191 -22.19 34.36 5.18
C LYS C 191 -20.70 34.61 5.43
N LYS C 192 -19.92 33.54 5.51
CA LYS C 192 -18.47 33.65 5.75
C LYS C 192 -17.68 33.93 4.46
N SER C 193 -18.34 33.77 3.32
CA SER C 193 -17.69 33.92 2.03
C SER C 193 -17.59 35.36 1.52
N ASP C 194 -16.46 35.68 0.90
CA ASP C 194 -16.28 36.95 0.19
C ASP C 194 -16.84 36.92 -1.24
N LYS C 195 -17.50 35.80 -1.59
CA LYS C 195 -18.12 35.58 -2.91
C LYS C 195 -17.14 35.51 -4.09
N LYS C 196 -15.84 35.49 -3.80
CA LYS C 196 -14.83 35.52 -4.88
C LYS C 196 -14.36 34.13 -5.31
N THR C 197 -15.19 33.12 -5.05
CA THR C 197 -14.93 31.74 -5.47
C THR C 197 -15.97 31.37 -6.53
N LYS C 198 -15.52 30.87 -7.67
CA LYS C 198 -16.44 30.37 -8.68
C LYS C 198 -16.93 29.00 -8.26
N LEU C 199 -18.25 28.87 -8.16
CA LEU C 199 -18.87 27.61 -7.79
C LEU C 199 -19.40 26.92 -9.04
N TRP C 200 -19.21 25.61 -9.08
CA TRP C 200 -19.54 24.80 -10.24
C TRP C 200 -20.27 23.58 -9.70
N ALA C 201 -21.40 23.22 -10.31
CA ALA C 201 -22.18 22.07 -9.85
C ALA C 201 -22.81 21.33 -11.01
N TRP C 202 -22.79 20.00 -10.94
CA TRP C 202 -23.58 19.15 -11.83
C TRP C 202 -24.39 18.16 -10.99
N CYS C 203 -25.59 17.83 -11.46
CA CYS C 203 -26.34 16.73 -10.87
C CYS C 203 -27.16 16.02 -11.95
N GLY C 204 -27.27 14.70 -11.82
CA GLY C 204 -28.07 13.90 -12.77
C GLY C 204 -29.55 14.17 -12.56
N GLU C 205 -30.31 14.20 -13.64
CA GLU C 205 -31.74 14.51 -13.55
C GLU C 205 -32.56 13.33 -12.99
N GLN C 206 -31.91 12.18 -12.85
CA GLN C 206 -32.50 10.99 -12.23
C GLN C 206 -31.82 10.67 -10.89
N ASP C 207 -31.04 11.63 -10.39
CA ASP C 207 -30.39 11.49 -9.10
C ASP C 207 -31.37 11.82 -7.99
N PHE C 208 -31.30 11.05 -6.90
CA PHE C 208 -32.15 11.32 -5.73
C PHE C 208 -31.85 12.67 -5.07
N LEU C 209 -30.70 13.26 -5.40
CA LEU C 209 -30.30 14.58 -4.88
C LEU C 209 -30.58 15.73 -5.83
N TYR C 210 -31.27 15.45 -6.93
CA TYR C 210 -31.55 16.47 -7.95
C TYR C 210 -32.28 17.69 -7.37
N GLU C 211 -33.34 17.47 -6.61
CA GLU C 211 -34.10 18.59 -6.03
C GLU C 211 -33.31 19.38 -4.97
N ALA C 212 -32.47 18.68 -4.21
CA ALA C 212 -31.59 19.32 -3.25
C ALA C 212 -30.58 20.22 -3.97
N ASN C 213 -30.07 19.75 -5.10
CA ASN C 213 -29.20 20.60 -5.92
C ASN C 213 -29.92 21.83 -6.47
N ASN C 214 -31.08 21.60 -7.08
CA ASN C 214 -31.88 22.70 -7.60
C ASN C 214 -32.10 23.79 -6.56
N LEU C 215 -32.42 23.38 -5.33
CA LEU C 215 -32.69 24.32 -4.23
C LEU C 215 -31.45 25.11 -3.81
N ALA C 216 -30.34 24.39 -3.55
CA ALA C 216 -29.12 25.05 -3.07
C ALA C 216 -28.57 26.02 -4.11
N VAL C 217 -28.62 25.63 -5.38
CA VAL C 217 -28.13 26.46 -6.47
C VAL C 217 -28.96 27.75 -6.57
N LYS C 218 -30.28 27.59 -6.57
CA LYS C 218 -31.23 28.70 -6.60
C LYS C 218 -30.92 29.67 -5.47
N ASN C 219 -30.75 29.12 -4.27
CA ASN C 219 -30.46 29.93 -3.07
C ASN C 219 -29.13 30.66 -3.14
N LEU C 220 -28.08 29.95 -3.54
CA LEU C 220 -26.75 30.56 -3.65
C LEU C 220 -26.71 31.64 -4.74
N LYS C 221 -27.41 31.40 -5.85
CA LYS C 221 -27.56 32.40 -6.90
C LYS C 221 -28.27 33.65 -6.35
N LYS C 222 -29.36 33.43 -5.61
CA LYS C 222 -30.11 34.51 -4.96
C LYS C 222 -29.21 35.34 -4.03
N LEU C 223 -28.27 34.65 -3.38
CA LEU C 223 -27.34 35.30 -2.43
C LEU C 223 -26.20 36.05 -3.13
N GLY C 224 -26.13 35.94 -4.45
CA GLY C 224 -25.16 36.70 -5.24
C GLY C 224 -23.88 35.94 -5.58
N PHE C 225 -23.93 34.62 -5.50
CA PHE C 225 -22.76 33.78 -5.82
C PHE C 225 -22.69 33.46 -7.30
N ASP C 226 -21.46 33.29 -7.79
CA ASP C 226 -21.17 32.93 -9.17
C ASP C 226 -21.25 31.40 -9.25
N VAL C 227 -22.40 30.90 -9.67
CA VAL C 227 -22.67 29.47 -9.69
C VAL C 227 -22.96 29.00 -11.10
N THR C 228 -22.13 28.08 -11.59
CA THR C 228 -22.37 27.46 -12.89
C THR C 228 -22.94 26.07 -12.65
N TYR C 229 -24.23 25.92 -12.95
CA TYR C 229 -24.97 24.70 -12.68
C TYR C 229 -25.43 24.02 -13.95
N SER C 230 -25.08 22.74 -14.06
CA SER C 230 -25.49 21.95 -15.21
C SER C 230 -26.19 20.68 -14.72
N HIS C 231 -27.06 20.15 -15.56
CA HIS C 231 -27.75 18.91 -15.27
C HIS C 231 -28.13 18.22 -16.57
N SER C 232 -28.14 16.89 -16.52
CA SER C 232 -28.42 16.07 -17.68
C SER C 232 -28.81 14.68 -17.18
N ALA C 233 -29.09 13.78 -18.11
CA ALA C 233 -29.45 12.40 -17.77
C ALA C 233 -28.36 11.78 -16.90
N GLY C 234 -28.76 11.12 -15.83
CA GLY C 234 -27.78 10.47 -14.95
C GLY C 234 -28.30 10.15 -13.56
N THR C 235 -27.64 9.20 -12.93
CA THR C 235 -28.00 8.73 -11.61
C THR C 235 -26.79 8.92 -10.69
N HIS C 236 -26.90 8.42 -9.46
CA HIS C 236 -25.89 8.61 -8.43
C HIS C 236 -24.81 7.54 -8.57
N GLU C 237 -23.98 7.69 -9.61
CA GLU C 237 -22.95 6.68 -9.95
C GLU C 237 -21.63 7.34 -10.36
N TRP C 238 -20.53 6.61 -10.10
CA TRP C 238 -19.18 7.10 -10.39
C TRP C 238 -18.93 7.42 -11.85
N TYR C 239 -19.57 6.69 -12.76
CA TYR C 239 -19.38 6.96 -14.19
C TYR C 239 -19.60 8.45 -14.49
N TYR C 240 -20.67 9.01 -13.91
CA TYR C 240 -21.04 10.40 -14.14
C TYR C 240 -20.07 11.35 -13.45
N TRP C 241 -19.68 11.01 -12.23
CA TRP C 241 -18.78 11.89 -11.47
C TRP C 241 -17.41 12.02 -12.13
N GLU C 242 -16.89 10.90 -12.65
CA GLU C 242 -15.67 10.94 -13.44
C GLU C 242 -15.83 11.84 -14.67
N LYS C 243 -16.92 11.69 -15.42
CA LYS C 243 -17.15 12.53 -16.61
C LYS C 243 -17.21 14.01 -16.25
N GLN C 244 -17.88 14.31 -15.14
CA GLN C 244 -18.06 15.70 -14.75
C GLN C 244 -16.80 16.33 -14.15
N LEU C 245 -15.96 15.51 -13.52
CA LEU C 245 -14.65 16.00 -13.08
C LEU C 245 -13.89 16.48 -14.32
N GLU C 246 -13.96 15.71 -15.40
CA GLU C 246 -13.31 16.09 -16.68
C GLU C 246 -13.80 17.45 -17.17
N VAL C 247 -15.12 17.64 -17.19
CA VAL C 247 -15.68 18.93 -17.59
C VAL C 247 -15.18 20.06 -16.66
N PHE C 248 -15.26 19.83 -15.35
CA PHE C 248 -14.76 20.83 -14.39
C PHE C 248 -13.28 21.21 -14.64
N LEU C 249 -12.42 20.23 -14.89
CA LEU C 249 -11.02 20.54 -15.19
C LEU C 249 -10.84 21.49 -16.35
N THR C 250 -11.72 21.42 -17.35
CA THR C 250 -11.63 22.34 -18.49
C THR C 250 -11.90 23.81 -18.13
N THR C 251 -12.50 24.05 -16.96
CA THR C 251 -12.81 25.42 -16.54
C THR C 251 -11.68 26.06 -15.72
N LEU C 252 -10.66 25.27 -15.41
CA LEU C 252 -9.55 25.70 -14.55
C LEU C 252 -8.39 26.29 -15.35
N PRO C 253 -7.65 27.25 -14.74
CA PRO C 253 -6.50 27.88 -15.41
C PRO C 253 -5.26 26.96 -15.41
N ILE C 254 -5.40 25.78 -16.02
CA ILE C 254 -4.34 24.75 -16.02
C ILE C 254 -4.13 24.15 -17.42
N ASP C 255 -4.83 24.70 -18.41
CA ASP C 255 -4.75 24.20 -19.79
C ASP C 255 -4.92 22.68 -19.89
N PHE C 256 -5.98 22.18 -19.25
CA PHE C 256 -6.29 20.76 -19.28
C PHE C 256 -6.62 20.29 -20.70
N LYS C 257 -6.16 19.09 -21.06
CA LYS C 257 -6.38 18.53 -22.41
C LYS C 257 -7.31 17.32 -22.49
N LEU C 258 -8.42 17.49 -23.21
CA LEU C 258 -8.99 16.45 -24.12
C LEU C 258 -10.08 17.05 -24.99
N GLY D 1 11.60 -13.17 3.16
CA GLY D 1 12.32 -14.45 2.88
C GLY D 1 11.50 -15.69 3.17
N ALA D 2 12.12 -16.85 2.94
CA ALA D 2 11.53 -18.15 3.25
C ALA D 2 11.16 -18.19 4.73
N ASP D 4 9.10 -16.41 6.28
CA ASP D 4 8.49 -15.15 6.70
C ASP D 4 7.01 -15.17 6.31
N PRO D 5 6.15 -14.53 7.13
CA PRO D 5 4.72 -14.49 6.77
C PRO D 5 4.46 -13.64 5.54
N ALA D 6 3.47 -14.05 4.74
CA ALA D 6 2.94 -13.18 3.70
C ALA D 6 2.19 -12.06 4.38
N VAL D 7 2.12 -10.91 3.74
CA VAL D 7 1.36 -9.81 4.30
C VAL D 7 0.26 -9.43 3.32
N LYS D 9 -2.62 -6.62 2.77
CA LYS D 9 -3.17 -5.35 3.16
C LYS D 9 -4.55 -5.30 2.52
N ILE D 10 -5.59 -5.34 3.34
CA ILE D 10 -6.96 -5.59 2.85
C ILE D 10 -7.84 -4.36 2.92
N GLU D 11 -8.42 -4.02 1.77
CA GLU D 11 -9.45 -2.99 1.67
C GLU D 11 -10.76 -3.74 1.49
N TYR D 12 -11.67 -3.61 2.45
CA TYR D 12 -12.96 -4.29 2.33
C TYR D 12 -14.10 -3.36 2.74
N TYR D 13 -15.28 -3.57 2.16
CA TYR D 13 -16.46 -2.82 2.56
C TYR D 13 -17.03 -3.35 3.89
N SER D 14 -17.17 -2.48 4.88
CA SER D 14 -17.87 -2.85 6.12
C SER D 14 -19.32 -2.44 6.01
N GLN D 15 -20.22 -3.42 5.93
CA GLN D 15 -21.65 -3.11 5.92
C GLN D 15 -22.06 -2.54 7.29
N VAL D 16 -21.47 -3.04 8.36
CA VAL D 16 -21.78 -2.57 9.71
C VAL D 16 -21.48 -1.06 9.87
N LEU D 17 -20.32 -0.64 9.35
CA LEU D 17 -19.88 0.75 9.46
C LEU D 17 -20.30 1.62 8.27
N ASP D 18 -20.90 0.98 7.26
CA ASP D 18 -21.12 1.59 5.93
C ASP D 18 -19.85 2.33 5.49
N GLU D 20 -15.84 1.81 3.48
CA GLU D 20 -14.72 1.08 2.93
C GLU D 20 -13.71 1.14 4.09
N TRP D 21 -13.20 -0.02 4.49
CA TRP D 21 -12.47 -0.14 5.75
C TRP D 21 -11.22 -0.95 5.49
N GLY D 22 -10.39 -1.14 6.51
CA GLY D 22 -9.13 -1.82 6.30
C GLY D 22 -8.76 -2.79 7.39
N VAL D 23 -8.02 -3.83 7.02
CA VAL D 23 -7.39 -4.76 7.97
C VAL D 23 -6.10 -5.24 7.34
N ASN D 24 -5.13 -5.59 8.18
CA ASN D 24 -3.92 -6.28 7.73
C ASN D 24 -3.89 -7.70 8.25
N VAL D 25 -3.40 -8.61 7.41
CA VAL D 25 -3.26 -10.02 7.82
C VAL D 25 -1.84 -10.48 7.56
N LEU D 26 -1.26 -11.18 8.54
CA LEU D 26 -0.03 -11.96 8.33
C LEU D 26 -0.45 -13.40 8.19
N TYR D 27 -0.07 -14.01 7.07
CA TYR D 27 -0.40 -15.40 6.75
C TYR D 27 0.85 -16.27 6.70
N PRO D 28 0.90 -17.35 7.49
CA PRO D 28 2.13 -18.15 7.56
C PRO D 28 2.49 -18.84 6.25
N ASP D 29 3.79 -19.02 6.03
CA ASP D 29 4.38 -20.01 5.11
C ASP D 29 4.29 -19.70 3.62
N GLU D 39 -6.70 -26.88 7.14
CA GLU D 39 -5.40 -26.71 7.78
C GLU D 39 -5.57 -26.34 9.24
N ASP D 40 -6.72 -25.73 9.57
CA ASP D 40 -7.07 -25.36 10.94
C ASP D 40 -5.97 -24.49 11.56
N ILE D 41 -5.62 -23.41 10.87
CA ILE D 41 -4.50 -22.55 11.30
C ILE D 41 -4.93 -21.61 12.44
N PRO D 42 -4.16 -21.61 13.54
CA PRO D 42 -4.47 -20.72 14.66
C PRO D 42 -4.46 -19.24 14.26
N VAL D 43 -5.29 -18.44 14.95
CA VAL D 43 -5.39 -17.01 14.69
C VAL D 43 -5.18 -16.16 15.95
N LEU D 44 -4.38 -15.10 15.80
CA LEU D 44 -4.23 -14.06 16.81
C LEU D 44 -4.79 -12.74 16.28
N TYR D 45 -5.77 -12.18 16.98
CA TYR D 45 -6.20 -10.80 16.73
C TYR D 45 -5.30 -9.87 17.54
N LEU D 46 -4.79 -8.85 16.86
CA LEU D 46 -3.78 -7.97 17.46
C LEU D 46 -4.29 -6.53 17.35
N LEU D 47 -4.65 -5.96 18.50
CA LEU D 47 -5.40 -4.71 18.57
C LEU D 47 -4.55 -3.48 18.90
N HIS D 48 -4.74 -2.41 18.12
CA HIS D 48 -4.02 -1.15 18.30
C HIS D 48 -4.58 -0.32 19.46
N GLY D 49 -3.83 0.71 19.86
CA GLY D 49 -4.27 1.63 20.89
C GLY D 49 -4.74 2.95 20.30
N SER D 51 -5.08 6.65 18.88
CA SER D 51 -4.29 7.30 17.82
C SER D 51 -3.78 6.32 16.75
N GLY D 52 -3.98 5.03 16.99
CA GLY D 52 -3.52 4.01 16.06
C GLY D 52 -4.58 3.52 15.08
N ASN D 53 -4.19 2.53 14.30
CA ASN D 53 -5.10 1.85 13.38
C ASN D 53 -4.54 0.48 13.03
N HIS D 54 -5.09 -0.14 11.98
CA HIS D 54 -4.68 -1.48 11.57
C HIS D 54 -3.19 -1.60 11.19
N ASN D 55 -2.57 -0.48 10.81
CA ASN D 55 -1.14 -0.46 10.49
C ASN D 55 -0.23 -0.35 11.71
N SER D 56 -0.80 -0.08 12.89
CA SER D 56 0.03 0.23 14.08
C SER D 56 1.07 -0.85 14.40
N TRP D 57 0.67 -2.10 14.54
CA TRP D 57 1.63 -3.15 14.92
C TRP D 57 2.72 -3.35 13.86
N LEU D 58 2.35 -3.17 12.60
CA LEU D 58 3.33 -3.22 11.50
C LEU D 58 4.28 -2.02 11.53
N LYS D 59 3.75 -0.84 11.86
CA LYS D 59 4.59 0.38 11.83
C LYS D 59 5.51 0.52 13.05
N ARG D 60 5.07 -0.08 14.17
CA ARG D 60 5.63 0.25 15.48
C ARG D 60 6.39 -0.91 16.14
N THR D 61 6.35 -2.10 15.52
CA THR D 61 7.04 -3.27 16.07
C THR D 61 7.62 -4.15 14.98
N ASN D 62 8.47 -5.10 15.41
CA ASN D 62 8.95 -6.18 14.56
C ASN D 62 8.05 -7.44 14.55
N VAL D 63 6.75 -7.26 14.65
CA VAL D 63 5.81 -8.40 14.61
C VAL D 63 6.08 -9.30 13.38
N GLU D 64 6.41 -8.72 12.22
CA GLU D 64 6.70 -9.53 11.02
C GLU D 64 7.86 -10.49 11.25
N ARG D 65 8.96 -9.98 11.82
CA ARG D 65 10.12 -10.80 12.11
C ARG D 65 9.78 -11.84 13.17
N LEU D 66 9.00 -11.40 14.16
CA LEU D 66 8.60 -12.24 15.28
C LEU D 66 7.81 -13.46 14.82
N LEU D 67 7.03 -13.30 13.75
CA LEU D 67 6.19 -14.38 13.22
C LEU D 67 6.91 -15.33 12.24
N ARG D 68 8.19 -15.07 11.95
CA ARG D 68 8.96 -15.98 11.10
C ARG D 68 8.89 -17.43 11.60
N GLY D 69 8.58 -18.35 10.69
CA GLY D 69 8.53 -19.78 10.98
C GLY D 69 7.42 -20.23 11.92
N THR D 70 6.46 -19.36 12.18
CA THR D 70 5.41 -19.63 13.17
C THR D 70 4.06 -19.85 12.48
N ASN D 71 3.44 -20.99 12.76
CA ASN D 71 2.13 -21.30 12.16
C ASN D 71 1.00 -20.60 12.91
N LEU D 72 0.81 -19.33 12.57
CA LEU D 72 -0.18 -18.46 13.21
C LEU D 72 -0.56 -17.34 12.25
N ILE D 73 -1.86 -17.16 12.06
CA ILE D 73 -2.40 -16.04 11.29
C ILE D 73 -2.55 -14.88 12.26
N VAL D 74 -2.12 -13.69 11.86
CA VAL D 74 -2.30 -12.51 12.69
C VAL D 74 -3.25 -11.54 11.98
N VAL D 75 -4.30 -11.15 12.68
CA VAL D 75 -5.27 -10.19 12.13
C VAL D 75 -5.22 -8.86 12.89
N PRO D 77 -7.14 -5.41 13.13
CA PRO D 77 -8.31 -4.58 12.80
C PRO D 77 -8.06 -3.09 13.05
N ASN D 78 -9.00 -2.27 12.61
CA ASN D 78 -9.00 -0.82 12.87
C ASN D 78 -10.29 -0.42 13.61
N THR D 79 -10.14 0.24 14.75
CA THR D 79 -11.30 0.83 15.46
C THR D 79 -11.30 2.37 15.49
N SER D 80 -10.28 3.00 14.90
CA SER D 80 -10.24 4.46 14.65
C SER D 80 -10.71 5.36 15.82
N ASN D 81 -10.07 5.19 16.97
CA ASN D 81 -10.35 5.98 18.20
C ASN D 81 -11.75 5.76 18.75
N GLY D 82 -12.39 4.67 18.32
CA GLY D 82 -13.75 4.33 18.80
C GLY D 82 -13.80 3.28 19.92
N TRP D 83 -12.65 2.98 20.51
CA TRP D 83 -12.59 2.15 21.73
C TRP D 83 -13.25 0.76 21.63
N TYR D 84 -13.26 0.17 20.42
CA TYR D 84 -13.84 -1.17 20.24
C TYR D 84 -15.25 -1.23 20.82
N THR D 85 -15.98 -0.13 20.62
CA THR D 85 -17.31 0.08 21.22
C THR D 85 -18.31 0.52 20.16
N ASP D 86 -19.54 0.02 20.27
CA ASP D 86 -20.63 0.59 19.47
C ASP D 86 -20.97 1.95 20.10
N THR D 87 -20.54 3.01 19.42
CA THR D 87 -20.50 4.38 19.95
C THR D 87 -21.85 5.08 20.00
N GLN D 88 -21.89 6.22 20.69
CA GLN D 88 -23.11 7.02 20.81
C GLN D 88 -23.42 7.79 19.53
N TYR D 89 -22.46 7.82 18.61
CA TYR D 89 -22.61 8.61 17.40
C TYR D 89 -22.82 7.77 16.13
N GLY D 90 -23.25 6.52 16.31
CA GLY D 90 -23.70 5.69 15.19
C GLY D 90 -22.67 4.85 14.47
N PHE D 91 -21.47 4.73 15.04
CA PHE D 91 -20.41 3.90 14.48
C PHE D 91 -20.28 2.63 15.32
N ASP D 92 -20.72 1.50 14.77
CA ASP D 92 -20.76 0.24 15.51
C ASP D 92 -19.45 -0.53 15.44
N TYR D 93 -18.43 0.01 16.10
CA TYR D 93 -17.09 -0.57 16.04
C TYR D 93 -16.99 -1.94 16.71
N TYR D 94 -17.72 -2.13 17.81
CA TYR D 94 -17.67 -3.43 18.48
C TYR D 94 -18.23 -4.49 17.54
N THR D 95 -19.41 -4.24 17.01
CA THR D 95 -20.10 -5.17 16.11
C THR D 95 -19.23 -5.43 14.86
N ALA D 96 -18.65 -4.37 14.31
CA ALA D 96 -17.84 -4.49 13.09
C ALA D 96 -16.65 -5.42 13.32
N LEU D 97 -16.09 -5.38 14.52
CA LEU D 97 -14.84 -6.09 14.76
C LEU D 97 -15.02 -7.46 15.46
N ALA D 98 -16.02 -7.55 16.35
CA ALA D 98 -16.31 -8.82 17.03
C ALA D 98 -17.09 -9.79 16.16
N GLU D 99 -17.94 -9.27 15.28
CA GLU D 99 -18.88 -10.08 14.50
C GLU D 99 -18.54 -10.09 13.02
N GLU D 100 -18.48 -8.90 12.42
CA GLU D 100 -18.34 -8.80 10.97
C GLU D 100 -16.95 -9.20 10.45
N LEU D 101 -15.89 -8.66 11.06
CA LEU D 101 -14.54 -8.96 10.56
C LEU D 101 -14.20 -10.48 10.50
N PRO D 102 -14.47 -11.22 11.59
CA PRO D 102 -14.25 -12.68 11.55
C PRO D 102 -15.01 -13.36 10.40
N GLN D 103 -16.24 -12.91 10.12
CA GLN D 103 -17.04 -13.49 9.03
C GLN D 103 -16.41 -13.17 7.68
N VAL D 104 -16.00 -11.91 7.52
CA VAL D 104 -15.35 -11.47 6.29
C VAL D 104 -14.07 -12.27 6.04
N LEU D 105 -13.24 -12.39 7.07
CA LEU D 105 -11.97 -13.09 6.91
C LEU D 105 -12.10 -14.60 6.69
N LYS D 106 -13.07 -15.24 7.35
CA LYS D 106 -13.29 -16.67 7.19
C LYS D 106 -13.76 -16.97 5.76
N ARG D 107 -14.49 -16.05 5.17
CA ARG D 107 -14.86 -16.16 3.77
C ARG D 107 -13.65 -16.12 2.83
N PHE D 108 -12.72 -15.19 3.06
CA PHE D 108 -11.47 -15.16 2.30
C PHE D 108 -10.57 -16.37 2.60
N PHE D 109 -10.47 -16.71 3.87
CA PHE D 109 -9.45 -17.65 4.34
C PHE D 109 -10.09 -18.81 5.11
N PRO D 110 -10.74 -19.75 4.39
CA PRO D 110 -11.37 -20.92 5.03
C PRO D 110 -10.43 -21.79 5.87
N ASN D 111 -9.12 -21.71 5.63
CA ASN D 111 -8.18 -22.54 6.42
C ASN D 111 -7.86 -21.97 7.80
N THR D 113 -8.64 -21.22 11.55
CA THR D 113 -9.39 -21.99 12.54
C THR D 113 -10.70 -21.34 12.92
N SER D 114 -11.69 -22.17 13.28
CA SER D 114 -12.91 -21.67 13.89
C SER D 114 -13.03 -22.20 15.33
N LYS D 115 -11.91 -22.70 15.86
CA LYS D 115 -11.87 -23.30 17.20
C LYS D 115 -11.34 -22.32 18.25
N ARG D 116 -12.07 -22.24 19.37
CA ARG D 116 -11.71 -21.36 20.49
C ARG D 116 -10.31 -21.61 21.01
N GLU D 117 -9.91 -22.89 21.09
CA GLU D 117 -8.62 -23.29 21.64
C GLU D 117 -7.43 -22.88 20.76
N LYS D 118 -7.73 -22.44 19.54
CA LYS D 118 -6.71 -21.97 18.59
C LYS D 118 -6.91 -20.49 18.19
N THR D 119 -7.82 -19.82 18.90
CA THR D 119 -8.15 -18.41 18.65
C THR D 119 -7.74 -17.49 19.81
N PHE D 120 -6.84 -16.56 19.52
CA PHE D 120 -6.23 -15.72 20.55
C PHE D 120 -6.39 -14.23 20.27
N ILE D 121 -6.19 -13.42 21.30
CA ILE D 121 -6.32 -11.97 21.16
C ILE D 121 -5.32 -11.24 22.05
N ALA D 122 -4.80 -10.10 21.57
CA ALA D 122 -3.89 -9.25 22.35
C ALA D 122 -4.04 -7.81 21.90
N GLY D 123 -3.80 -6.89 22.82
CA GLY D 123 -3.82 -5.47 22.48
C GLY D 123 -3.06 -4.63 23.47
N LEU D 124 -2.63 -3.45 23.03
CA LEU D 124 -1.97 -2.49 23.95
C LEU D 124 -2.87 -1.29 24.25
N SER D 125 -2.82 -0.80 25.49
CA SER D 125 -3.54 0.44 25.91
C SER D 125 -5.06 0.37 25.68
N GLY D 127 -6.30 -0.86 23.10
CA GLY D 127 -6.37 -2.24 22.62
C GLY D 127 -6.37 -3.28 23.72
N GLY D 128 -5.81 -2.95 24.88
CA GLY D 128 -5.85 -3.84 26.04
C GLY D 128 -7.26 -3.94 26.58
N TYR D 129 -7.94 -2.80 26.69
CA TYR D 129 -9.36 -2.78 27.04
C TYR D 129 -10.20 -3.55 26.02
N GLY D 130 -10.03 -3.21 24.74
CA GLY D 130 -10.76 -3.87 23.65
C GLY D 130 -10.55 -5.37 23.64
N CYS D 131 -9.31 -5.80 23.85
CA CYS D 131 -8.96 -7.20 23.90
C CYS D 131 -9.72 -7.95 25.00
N PHE D 132 -9.69 -7.42 26.22
CA PHE D 132 -10.39 -8.03 27.33
C PHE D 132 -11.90 -7.99 27.13
N LYS D 133 -12.41 -6.87 26.63
CA LYS D 133 -13.83 -6.74 26.31
C LYS D 133 -14.31 -7.83 25.34
N LEU D 134 -13.60 -7.99 24.22
CA LEU D 134 -13.95 -9.01 23.24
C LEU D 134 -13.82 -10.43 23.83
N ALA D 135 -12.80 -10.65 24.65
CA ALA D 135 -12.58 -11.95 25.29
C ALA D 135 -13.75 -12.31 26.21
N LEU D 136 -14.18 -11.34 27.02
CA LEU D 136 -15.24 -11.54 28.00
C LEU D 136 -16.64 -11.64 27.38
N THR D 137 -16.89 -10.89 26.31
CA THR D 137 -18.22 -10.81 25.70
C THR D 137 -18.50 -11.89 24.66
N THR D 138 -17.47 -12.37 23.96
CA THR D 138 -17.68 -13.32 22.86
C THR D 138 -17.58 -14.78 23.28
N ASN D 139 -16.73 -15.06 24.25
CA ASN D 139 -16.36 -16.44 24.63
C ASN D 139 -15.82 -17.25 23.44
N ARG D 140 -15.17 -16.57 22.50
CA ARG D 140 -14.62 -17.19 21.30
C ARG D 140 -13.09 -17.28 21.31
N PHE D 141 -12.47 -16.79 22.38
CA PHE D 141 -11.02 -16.81 22.55
C PHE D 141 -10.58 -17.68 23.73
N SER D 142 -9.43 -18.33 23.61
CA SER D 142 -8.86 -19.14 24.70
C SER D 142 -7.79 -18.39 25.50
N HIS D 143 -7.11 -17.47 24.82
CA HIS D 143 -6.07 -16.67 25.45
C HIS D 143 -6.25 -15.22 25.05
N ALA D 144 -6.05 -14.30 26.00
CA ALA D 144 -6.26 -12.88 25.77
C ALA D 144 -5.23 -12.09 26.56
N ALA D 145 -4.49 -11.23 25.87
CA ALA D 145 -3.40 -10.47 26.50
C ALA D 145 -3.56 -8.97 26.38
N SER D 146 -3.26 -8.28 27.49
CA SER D 146 -3.32 -6.83 27.54
C SER D 146 -1.92 -6.31 27.90
N PHE D 147 -1.42 -5.37 27.12
CA PHE D 147 -0.14 -4.72 27.39
C PHE D 147 -0.42 -3.27 27.75
N SER D 148 -0.16 -2.90 29.01
CA SER D 148 -0.43 -1.54 29.53
C SER D 148 -1.85 -1.08 29.16
N GLY D 149 -2.82 -1.95 29.40
CA GLY D 149 -4.20 -1.71 29.01
C GLY D 149 -4.90 -0.66 29.83
N ALA D 150 -5.83 0.04 29.17
CA ALA D 150 -6.71 0.99 29.84
C ALA D 150 -7.85 0.21 30.49
N LEU D 151 -7.53 -0.52 31.55
CA LEU D 151 -8.41 -1.57 32.05
C LEU D 151 -9.48 -1.08 33.04
N SER D 152 -9.32 0.15 33.52
CA SER D 152 -10.32 0.78 34.38
C SER D 152 -10.23 2.30 34.29
N PHE D 153 -11.38 2.97 34.31
CA PHE D 153 -11.43 4.43 34.40
C PHE D 153 -11.96 4.87 35.77
N GLN D 154 -11.98 3.95 36.73
CA GLN D 154 -12.54 4.24 38.05
C GLN D 154 -11.67 5.25 38.80
N ASN D 155 -10.37 5.20 38.57
CA ASN D 155 -9.40 6.03 39.29
C ASN D 155 -8.56 6.92 38.37
N GLY D 164 -8.13 13.48 25.64
CA GLY D 164 -9.29 13.56 24.75
C GLY D 164 -10.02 14.89 24.88
N SER D 165 -11.35 14.81 25.05
CA SER D 165 -12.21 15.96 25.35
C SER D 165 -13.54 15.43 25.90
N PRO D 166 -14.28 16.23 26.71
CA PRO D 166 -15.59 15.77 27.18
C PRO D 166 -16.52 15.27 26.06
N ALA D 167 -16.64 16.02 24.97
CA ALA D 167 -17.45 15.58 23.82
C ALA D 167 -16.95 14.24 23.26
N TYR D 168 -15.62 14.08 23.18
CA TYR D 168 -15.04 12.83 22.68
C TYR D 168 -15.41 11.63 23.58
N TRP D 169 -15.19 11.76 24.88
CA TRP D 169 -15.46 10.65 25.80
C TRP D 169 -16.95 10.30 25.85
N ARG D 170 -17.81 11.33 25.77
CA ARG D 170 -19.26 11.14 25.70
C ARG D 170 -19.66 10.37 24.45
N GLY D 171 -18.96 10.64 23.35
CA GLY D 171 -19.19 9.94 22.07
C GLY D 171 -18.94 8.45 22.20
N VAL D 172 -17.96 8.08 23.01
CA VAL D 172 -17.64 6.68 23.24
C VAL D 172 -18.59 6.02 24.24
N PHE D 173 -18.67 6.59 25.45
CA PHE D 173 -19.29 5.94 26.60
C PHE D 173 -20.59 6.59 27.10
N GLY D 174 -20.97 7.71 26.50
CA GLY D 174 -22.10 8.51 27.00
C GLY D 174 -21.73 9.18 28.32
N GLU D 175 -22.75 9.57 29.09
CA GLU D 175 -22.52 10.11 30.42
C GLU D 175 -22.24 8.97 31.40
N ILE D 176 -21.11 9.05 32.10
CA ILE D 176 -20.72 8.03 33.08
C ILE D 176 -20.71 8.59 34.51
N ARG D 177 -21.47 7.95 35.40
CA ARG D 177 -21.47 8.32 36.82
C ARG D 177 -20.37 7.56 37.53
N ASP D 178 -20.52 6.24 37.56
CA ASP D 178 -19.53 5.34 38.14
C ASP D 178 -19.06 4.37 37.05
N TRP D 179 -17.77 4.40 36.75
CA TRP D 179 -17.20 3.55 35.71
C TRP D 179 -17.47 2.07 35.98
N THR D 180 -17.09 1.60 37.18
CA THR D 180 -17.09 0.19 37.52
C THR D 180 -18.48 -0.46 37.45
N THR D 181 -19.49 0.31 37.85
CA THR D 181 -20.87 -0.18 37.83
C THR D 181 -21.59 0.09 36.50
N SER D 182 -20.96 0.84 35.59
CA SER D 182 -21.51 1.05 34.25
C SER D 182 -21.32 -0.20 33.39
N PRO D 183 -22.15 -0.38 32.34
CA PRO D 183 -22.03 -1.58 31.49
C PRO D 183 -20.73 -1.66 30.70
N TYR D 184 -19.94 -0.58 30.74
CA TYR D 184 -18.71 -0.46 29.94
C TYR D 184 -17.47 -1.00 30.65
N SER D 185 -17.54 -1.18 31.97
CA SER D 185 -16.39 -1.67 32.72
C SER D 185 -16.16 -3.13 32.38
N LEU D 186 -14.89 -3.58 32.49
CA LEU D 186 -14.57 -4.99 32.30
C LEU D 186 -15.22 -5.86 33.37
N GLU D 187 -15.36 -5.30 34.57
CA GLU D 187 -16.06 -5.95 35.68
C GLU D 187 -17.51 -6.28 35.32
N SER D 188 -18.20 -5.34 34.66
CA SER D 188 -19.57 -5.54 34.24
C SER D 188 -19.67 -6.45 33.01
N LEU D 189 -18.73 -6.29 32.09
CA LEU D 189 -18.68 -7.14 30.89
C LEU D 189 -18.37 -8.60 31.24
N ALA D 190 -17.61 -8.80 32.31
CA ALA D 190 -17.22 -10.13 32.78
C ALA D 190 -18.43 -11.04 33.05
N LYS D 191 -19.59 -10.43 33.29
CA LYS D 191 -20.84 -11.17 33.52
C LYS D 191 -21.25 -12.00 32.30
N LYS D 192 -20.80 -11.56 31.12
CA LYS D 192 -21.09 -12.26 29.87
C LYS D 192 -20.16 -13.46 29.64
N SER D 193 -19.12 -13.56 30.47
CA SER D 193 -18.08 -14.58 30.28
C SER D 193 -18.37 -15.90 30.97
N ASP D 194 -18.03 -16.98 30.28
CA ASP D 194 -18.05 -18.34 30.85
C ASP D 194 -16.80 -18.62 31.67
N LYS D 195 -15.93 -17.61 31.79
CA LYS D 195 -14.70 -17.67 32.59
C LYS D 195 -13.68 -18.71 32.08
N LYS D 196 -13.86 -19.17 30.85
CA LYS D 196 -12.98 -20.21 30.28
C LYS D 196 -11.86 -19.62 29.40
N THR D 197 -11.74 -18.30 29.42
CA THR D 197 -10.65 -17.62 28.71
C THR D 197 -9.50 -17.31 29.66
N LYS D 198 -8.30 -17.72 29.28
CA LYS D 198 -7.10 -17.38 30.03
C LYS D 198 -6.78 -15.91 29.76
N LEU D 199 -6.69 -15.11 30.82
CA LEU D 199 -6.35 -13.69 30.70
C LEU D 199 -4.92 -13.43 31.16
N TRP D 200 -4.22 -12.63 30.37
CA TRP D 200 -2.81 -12.35 30.57
C TRP D 200 -2.64 -10.84 30.50
N ALA D 201 -1.96 -10.26 31.49
CA ALA D 201 -1.72 -8.82 31.51
C ALA D 201 -0.31 -8.46 31.97
N TRP D 202 0.26 -7.47 31.30
CA TRP D 202 1.48 -6.80 31.79
C TRP D 202 1.23 -5.31 31.87
N CYS D 203 1.84 -4.67 32.85
CA CYS D 203 1.93 -3.21 32.90
C CYS D 203 3.27 -2.76 33.47
N GLY D 204 3.80 -1.68 32.92
CA GLY D 204 5.01 -1.05 33.45
C GLY D 204 4.73 -0.39 34.78
N GLU D 205 5.69 -0.50 35.70
CA GLU D 205 5.53 0.06 37.04
C GLU D 205 5.68 1.58 37.07
N GLN D 206 6.19 2.15 35.97
CA GLN D 206 6.26 3.59 35.80
C GLN D 206 5.26 4.08 34.75
N ASP D 207 4.22 3.28 34.50
CA ASP D 207 3.16 3.65 33.56
C ASP D 207 2.04 4.35 34.31
N PHE D 208 1.46 5.38 33.70
CA PHE D 208 0.34 6.11 34.31
C PHE D 208 -0.90 5.24 34.52
N LEU D 209 -0.93 4.06 33.88
CA LEU D 209 -2.04 3.12 34.00
C LEU D 209 -1.74 1.94 34.94
N TYR D 210 -0.62 2.02 35.65
CA TYR D 210 -0.24 0.94 36.55
C TYR D 210 -1.30 0.68 37.61
N GLU D 211 -1.88 1.74 38.18
CA GLU D 211 -2.87 1.61 39.24
C GLU D 211 -4.22 1.13 38.71
N ALA D 212 -4.54 1.53 37.48
CA ALA D 212 -5.76 1.04 36.81
C ALA D 212 -5.67 -0.45 36.53
N ASN D 213 -4.49 -0.92 36.12
CA ASN D 213 -4.24 -2.34 35.94
C ASN D 213 -4.32 -3.13 37.25
N ASN D 214 -3.77 -2.55 38.33
CA ASN D 214 -3.85 -3.18 39.64
C ASN D 214 -5.28 -3.41 40.09
N LEU D 215 -6.11 -2.38 39.94
CA LEU D 215 -7.53 -2.45 40.31
C LEU D 215 -8.33 -3.44 39.48
N ALA D 216 -8.14 -3.41 38.15
CA ALA D 216 -8.88 -4.28 37.25
C ALA D 216 -8.53 -5.76 37.43
N VAL D 217 -7.24 -6.06 37.56
CA VAL D 217 -6.74 -7.42 37.77
C VAL D 217 -7.28 -8.01 39.06
N LYS D 218 -7.19 -7.22 40.13
CA LYS D 218 -7.67 -7.59 41.47
C LYS D 218 -9.15 -7.94 41.41
N ASN D 219 -9.92 -7.12 40.70
CA ASN D 219 -11.36 -7.36 40.50
C ASN D 219 -11.66 -8.62 39.71
N LEU D 220 -10.96 -8.82 38.59
CA LEU D 220 -11.20 -9.98 37.72
C LEU D 220 -10.83 -11.30 38.39
N LYS D 221 -9.78 -11.28 39.22
CA LYS D 221 -9.40 -12.45 40.01
C LYS D 221 -10.47 -12.81 41.05
N LYS D 222 -11.01 -11.79 41.71
CA LYS D 222 -12.10 -11.96 42.68
C LYS D 222 -13.38 -12.51 42.05
N LEU D 223 -13.64 -12.08 40.81
CA LEU D 223 -14.82 -12.52 40.06
C LEU D 223 -14.66 -13.96 39.55
N GLY D 224 -13.47 -14.54 39.76
CA GLY D 224 -13.21 -15.94 39.45
C GLY D 224 -12.54 -16.22 38.13
N PHE D 225 -11.82 -15.22 37.60
CA PHE D 225 -11.16 -15.34 36.31
C PHE D 225 -9.69 -15.76 36.45
N ASP D 226 -9.23 -16.53 35.48
CA ASP D 226 -7.84 -16.95 35.36
C ASP D 226 -7.03 -15.79 34.77
N VAL D 227 -6.36 -15.03 35.64
CA VAL D 227 -5.60 -13.84 35.23
C VAL D 227 -4.12 -13.92 35.61
N THR D 228 -3.26 -14.02 34.61
CA THR D 228 -1.81 -14.01 34.81
C THR D 228 -1.27 -12.60 34.63
N TYR D 229 -1.01 -11.94 35.76
CA TYR D 229 -0.58 -10.54 35.75
C TYR D 229 0.89 -10.38 36.12
N SER D 230 1.64 -9.73 35.22
CA SER D 230 3.04 -9.42 35.47
C SER D 230 3.25 -7.91 35.42
N HIS D 231 4.33 -7.46 36.07
CA HIS D 231 4.73 -6.06 36.04
C HIS D 231 6.20 -5.90 36.35
N SER D 232 6.84 -4.96 35.66
CA SER D 232 8.28 -4.70 35.81
C SER D 232 8.57 -3.25 35.47
N ALA D 233 9.85 -2.87 35.52
CA ALA D 233 10.29 -1.54 35.10
C ALA D 233 9.87 -1.28 33.66
N GLY D 234 9.32 -0.10 33.43
CA GLY D 234 8.87 0.26 32.09
C GLY D 234 7.81 1.35 32.09
N THR D 235 7.66 1.99 30.93
CA THR D 235 6.72 3.09 30.76
C THR D 235 5.76 2.78 29.61
N HIS D 236 4.94 3.76 29.22
CA HIS D 236 3.91 3.58 28.19
C HIS D 236 4.50 3.73 26.80
N GLU D 237 5.31 2.75 26.38
CA GLU D 237 6.05 2.84 25.12
C GLU D 237 6.08 1.51 24.35
N TRP D 238 6.15 1.61 23.02
CA TRP D 238 6.14 0.44 22.13
C TRP D 238 7.23 -0.61 22.39
N TYR D 239 8.42 -0.19 22.78
CA TYR D 239 9.50 -1.13 23.12
C TYR D 239 9.01 -2.23 24.08
N TYR D 240 8.28 -1.82 25.12
CA TYR D 240 7.80 -2.75 26.15
C TYR D 240 6.65 -3.63 25.67
N TRP D 241 5.75 -3.04 24.88
CA TRP D 241 4.61 -3.78 24.36
C TRP D 241 5.05 -4.90 23.43
N GLU D 242 6.05 -4.63 22.60
CA GLU D 242 6.64 -5.65 21.72
C GLU D 242 7.33 -6.76 22.51
N LYS D 243 8.09 -6.35 23.53
CA LYS D 243 8.74 -7.31 24.42
C LYS D 243 7.74 -8.24 25.09
N GLN D 244 6.60 -7.69 25.48
CA GLN D 244 5.58 -8.46 26.17
C GLN D 244 4.77 -9.34 25.22
N LEU D 245 4.63 -8.91 23.96
CA LEU D 245 4.05 -9.79 22.94
C LEU D 245 4.93 -11.04 22.78
N GLU D 246 6.24 -10.85 22.79
CA GLU D 246 7.21 -11.95 22.71
C GLU D 246 6.97 -12.95 23.83
N VAL D 247 6.76 -12.44 25.04
CA VAL D 247 6.47 -13.29 26.22
C VAL D 247 5.11 -13.97 26.09
N PHE D 248 4.09 -13.23 25.65
CA PHE D 248 2.74 -13.79 25.52
C PHE D 248 2.70 -14.95 24.52
N LEU D 249 3.44 -14.80 23.42
CA LEU D 249 3.49 -15.83 22.37
C LEU D 249 4.00 -17.19 22.88
N THR D 250 4.89 -17.16 23.88
CA THR D 250 5.43 -18.38 24.48
C THR D 250 4.40 -19.14 25.32
N THR D 251 3.30 -18.47 25.69
CA THR D 251 2.24 -19.09 26.48
C THR D 251 1.21 -19.78 25.59
N LEU D 252 1.31 -19.58 24.29
CA LEU D 252 0.33 -20.10 23.34
C LEU D 252 0.71 -21.50 22.83
N PRO D 253 -0.31 -22.32 22.48
CA PRO D 253 -0.05 -23.66 21.94
C PRO D 253 0.33 -23.61 20.45
N ILE D 254 1.46 -22.99 20.15
CA ILE D 254 1.87 -22.71 18.77
C ILE D 254 3.36 -22.99 18.50
N ASP D 255 4.07 -23.46 19.53
CA ASP D 255 5.49 -23.81 19.43
C ASP D 255 6.37 -22.67 18.89
N PHE D 256 6.18 -21.48 19.46
CA PHE D 256 6.89 -20.28 19.05
C PHE D 256 8.37 -20.36 19.44
N LYS D 257 9.24 -19.78 18.61
CA LYS D 257 10.65 -19.63 18.93
C LYS D 257 11.15 -18.24 18.57
N LEU D 258 11.80 -17.60 19.53
CA LEU D 258 12.37 -16.26 19.36
C LEU D 258 13.67 -16.34 18.55
N GLU D 259 13.93 -15.31 17.75
CA GLU D 259 15.17 -15.21 16.98
C GLU D 259 16.42 -15.26 17.86
N GLU D 260 17.51 -15.74 17.29
CA GLU D 260 18.79 -15.73 17.99
C GLU D 260 19.25 -14.29 18.18
N ARG D 261 19.70 -13.98 19.40
CA ARG D 261 20.17 -12.65 19.76
C ARG D 261 21.46 -12.76 20.56
N LEU D 262 22.57 -12.89 19.85
CA LEU D 262 23.89 -12.98 20.48
C LEU D 262 24.34 -11.64 21.04
#